data_4KU3
#
_entry.id   4KU3
#
_cell.length_a   82.204
_cell.length_b   85.379
_cell.length_c   102.706
_cell.angle_alpha   90.00
_cell.angle_beta   90.00
_cell.angle_gamma   90.00
#
_symmetry.space_group_name_H-M   'P 21 21 21'
#
loop_
_entity.id
_entity.type
_entity.pdbx_description
1 polymer '3-oxoacyl-[ACP] synthase III'
2 non-polymer DI(HYDROXYETHYL)ETHER
3 non-polymer 'MYRISTIC ACID'
4 non-polymer TETRADECANOYL-COA
5 water water
#
_entity_poly.entity_id   1
_entity_poly.type   'polypeptide(L)'
_entity_poly.pdbx_seq_one_letter_code
;MGSSHHHHHHSSGLVPRGSHMLFQNVSIAGLAHIDAPHTLTSKEINERLQPTYDRLGIKTDVLGDVAGIHARRLWDQDVQ
ASDAATQAARKALIDANIGIEKIGLLINTSVSRDYLEPSTASIVSGNLGVSDHCMTFDVANASLAFINGMDIAARMLERG
EIDYALVVDGETANLVYEKTLERMTSPDVTEEEFRNELAALTLGCGAAAMVMARSELVPDAPRYKGGVTRSATEWNKLCR
GNLDRMVTDTRLLLIEGIKLAQKTFVAAKQVLGWAVEELDQFVIHQVSRPHTAAFVKSFGIDPAKVMTIFGEHGNIGPAS
VPIVLSKLKELGRLKKGDRIALLGIGSGLNCSMAEVVW
;
_entity_poly.pdbx_strand_id   A,B
#
# COMPACT_ATOMS: atom_id res chain seq x y z
N HIS A 20 -11.67 -20.88 14.42
CA HIS A 20 -11.78 -19.46 14.78
C HIS A 20 -11.16 -18.62 13.68
N MET A 21 -11.39 -19.03 12.44
CA MET A 21 -10.81 -18.36 11.26
C MET A 21 -9.28 -18.44 11.22
N LEU A 22 -8.70 -19.33 12.03
CA LEU A 22 -7.26 -19.57 11.96
C LEU A 22 -6.92 -20.32 10.66
N PHE A 23 -5.78 -20.00 10.07
CA PHE A 23 -5.46 -20.52 8.76
C PHE A 23 -5.12 -22.00 8.79
N GLN A 24 -5.67 -22.73 7.83
CA GLN A 24 -5.41 -24.15 7.72
C GLN A 24 -4.53 -24.43 6.52
N ASN A 25 -3.59 -25.36 6.69
CA ASN A 25 -2.71 -25.78 5.61
C ASN A 25 -1.95 -24.68 4.88
N VAL A 26 -1.56 -23.67 5.63
CA VAL A 26 -0.68 -22.62 5.11
C VAL A 26 0.68 -22.70 5.80
N SER A 27 1.75 -22.74 5.03
CA SER A 27 3.07 -22.97 5.60
C SER A 27 4.11 -21.94 5.16
N ILE A 28 5.21 -21.89 5.91
CA ILE A 28 6.36 -21.07 5.54
CA ILE A 28 6.36 -21.07 5.54
C ILE A 28 7.41 -21.95 4.87
N ALA A 29 7.47 -21.88 3.53
CA ALA A 29 8.41 -22.71 2.75
C ALA A 29 9.83 -22.17 2.79
N GLY A 30 9.97 -20.86 2.95
CA GLY A 30 11.29 -20.23 2.91
C GLY A 30 11.30 -18.88 3.60
N LEU A 31 12.43 -18.54 4.19
CA LEU A 31 12.56 -17.25 4.90
C LEU A 31 14.00 -16.73 4.81
N ALA A 32 14.18 -15.41 4.65
CA ALA A 32 15.54 -14.81 4.63
C ALA A 32 15.49 -13.35 5.03
N HIS A 33 16.61 -12.84 5.52
CA HIS A 33 16.78 -11.43 5.83
C HIS A 33 18.08 -10.94 5.20
N ILE A 34 18.18 -9.62 5.00
CA ILE A 34 19.44 -8.97 4.61
C ILE A 34 19.75 -7.91 5.67
N ASP A 35 20.96 -7.98 6.24
CA ASP A 35 21.50 -6.96 7.13
C ASP A 35 22.21 -5.90 6.26
N ALA A 36 21.83 -4.62 6.39
CA ALA A 36 22.51 -3.57 5.62
C ALA A 36 23.99 -3.43 6.05
N PRO A 37 24.88 -3.09 5.09
CA PRO A 37 26.31 -3.27 5.38
C PRO A 37 26.99 -2.20 6.24
N HIS A 38 26.46 -0.98 6.30
CA HIS A 38 27.24 0.11 6.91
C HIS A 38 26.76 0.42 8.33
N THR A 39 27.66 0.27 9.30
CA THR A 39 27.33 0.58 10.68
C THR A 39 27.46 2.07 10.97
N LEU A 40 26.40 2.68 11.49
CA LEU A 40 26.43 4.06 11.96
C LEU A 40 26.22 4.00 13.47
N THR A 41 27.23 4.39 14.25
CA THR A 41 27.10 4.28 15.71
C THR A 41 26.39 5.49 16.34
N SER A 42 25.74 5.28 17.49
CA SER A 42 25.19 6.41 18.23
C SER A 42 26.28 7.36 18.69
N LYS A 43 27.43 6.80 19.03
CA LYS A 43 28.58 7.63 19.38
C LYS A 43 28.93 8.62 18.24
N GLU A 44 28.97 8.15 17.00
CA GLU A 44 29.19 9.05 15.86
C GLU A 44 28.09 10.14 15.76
N ILE A 45 26.83 9.72 15.85
CA ILE A 45 25.71 10.65 15.88
C ILE A 45 25.87 11.73 16.97
N ASN A 46 26.14 11.30 18.19
CA ASN A 46 26.31 12.20 19.33
C ASN A 46 27.42 13.23 19.10
N GLU A 47 28.47 12.80 18.42
CA GLU A 47 29.53 13.69 17.98
C GLU A 47 28.97 14.87 17.17
N ARG A 48 28.16 14.58 16.16
CA ARG A 48 27.59 15.65 15.31
C ARG A 48 26.63 16.53 16.11
N LEU A 49 25.80 15.90 16.94
CA LEU A 49 24.78 16.66 17.69
C LEU A 49 25.31 17.41 18.92
N GLN A 50 26.56 17.17 19.31
CA GLN A 50 27.03 17.68 20.60
C GLN A 50 26.86 19.20 20.79
N PRO A 51 27.22 20.01 19.78
CA PRO A 51 26.97 21.46 19.94
C PRO A 51 25.50 21.80 20.19
N THR A 52 24.59 21.07 19.57
CA THR A 52 23.16 21.29 19.80
C THR A 52 22.75 20.81 21.19
N TYR A 53 23.30 19.66 21.61
CA TYR A 53 23.02 19.16 22.95
C TYR A 53 23.40 20.23 23.98
N ASP A 54 24.61 20.78 23.82
CA ASP A 54 25.16 21.74 24.76
C ASP A 54 24.36 23.02 24.78
N ARG A 55 23.92 23.48 23.61
CA ARG A 55 23.07 24.67 23.57
C ARG A 55 21.76 24.40 24.28
N LEU A 56 21.20 23.20 24.10
CA LEU A 56 19.91 22.87 24.69
C LEU A 56 20.04 22.39 26.14
N GLY A 57 21.27 22.23 26.61
CA GLY A 57 21.55 21.78 27.96
C GLY A 57 21.26 20.30 28.22
N ILE A 58 21.16 19.52 27.14
CA ILE A 58 21.00 18.08 27.26
C ILE A 58 22.31 17.40 27.71
N LYS A 59 22.30 16.82 28.91
CA LYS A 59 23.49 16.23 29.52
C LYS A 59 23.49 14.70 29.62
N THR A 60 22.43 14.05 29.19
CA THR A 60 22.43 12.59 29.12
C THR A 60 22.43 12.11 27.67
N ASP A 61 22.91 10.89 27.46
CA ASP A 61 22.89 10.25 26.15
C ASP A 61 21.50 9.68 25.88
N VAL A 62 20.67 10.46 25.23
CA VAL A 62 19.29 10.06 25.06
C VAL A 62 19.17 8.93 24.04
N LEU A 63 20.16 8.76 23.17
CA LEU A 63 20.15 7.64 22.24
C LEU A 63 20.61 6.31 22.84
N GLY A 64 21.82 6.30 23.40
CA GLY A 64 22.40 5.09 23.95
C GLY A 64 21.88 4.65 25.31
N ASP A 65 21.65 5.59 26.22
CA ASP A 65 21.23 5.23 27.59
C ASP A 65 19.71 5.22 27.78
N VAL A 66 19.01 6.15 27.12
CA VAL A 66 17.57 6.24 27.27
C VAL A 66 16.86 5.33 26.26
N ALA A 67 17.05 5.56 24.97
CA ALA A 67 16.43 4.70 23.97
C ALA A 67 17.09 3.31 23.95
N GLY A 68 18.36 3.25 24.35
CA GLY A 68 19.08 1.99 24.35
C GLY A 68 19.53 1.56 22.96
N ILE A 69 19.79 2.52 22.07
CA ILE A 69 20.29 2.16 20.75
C ILE A 69 21.74 2.54 20.61
N HIS A 70 22.57 1.54 20.36
CA HIS A 70 23.99 1.77 20.25
C HIS A 70 24.50 1.88 18.81
N ALA A 71 23.77 1.30 17.85
CA ALA A 71 24.13 1.38 16.43
C ALA A 71 22.96 1.04 15.54
N ARG A 72 23.07 1.38 14.26
CA ARG A 72 22.09 0.94 13.28
C ARG A 72 22.83 0.77 11.95
N ARG A 73 22.19 0.10 10.98
CA ARG A 73 22.82 -0.17 9.68
C ARG A 73 22.19 0.71 8.60
N LEU A 74 23.00 1.15 7.65
CA LEU A 74 22.54 1.93 6.49
C LEU A 74 23.01 1.25 5.21
N TRP A 75 22.32 1.48 4.10
CA TRP A 75 22.79 0.99 2.80
C TRP A 75 23.69 2.02 2.15
N ASP A 76 24.11 1.71 0.92
CA ASP A 76 24.59 2.74 -0.02
C ASP A 76 23.42 3.66 -0.43
N GLN A 77 23.76 4.88 -0.81
CA GLN A 77 22.79 5.90 -1.17
C GLN A 77 21.92 5.49 -2.36
N ASP A 78 22.49 4.72 -3.29
CA ASP A 78 21.80 4.31 -4.52
C ASP A 78 20.90 3.07 -4.38
N VAL A 79 20.75 2.55 -3.17
CA VAL A 79 19.87 1.41 -2.94
C VAL A 79 18.42 1.85 -2.69
N GLN A 80 17.54 1.46 -3.62
CA GLN A 80 16.11 1.72 -3.50
C GLN A 80 15.44 0.63 -2.67
N ALA A 81 14.28 0.93 -2.10
CA ALA A 81 13.48 -0.10 -1.43
C ALA A 81 13.31 -1.35 -2.29
N SER A 82 13.00 -1.19 -3.58
CA SER A 82 12.87 -2.35 -4.47
C SER A 82 14.16 -3.17 -4.60
N ASP A 83 15.31 -2.50 -4.55
CA ASP A 83 16.59 -3.21 -4.62
C ASP A 83 16.79 -4.11 -3.39
N ALA A 84 16.61 -3.52 -2.21
CA ALA A 84 16.74 -4.25 -0.96
C ALA A 84 15.76 -5.42 -0.88
N ALA A 85 14.49 -5.16 -1.19
CA ALA A 85 13.48 -6.22 -1.26
C ALA A 85 13.83 -7.33 -2.27
N THR A 86 14.35 -6.95 -3.44
CA THR A 86 14.78 -7.94 -4.44
C THR A 86 15.87 -8.88 -3.89
N GLN A 87 16.84 -8.29 -3.19
CA GLN A 87 17.89 -9.11 -2.56
C GLN A 87 17.31 -10.16 -1.60
N ALA A 88 16.40 -9.73 -0.74
CA ALA A 88 15.81 -10.64 0.26
C ALA A 88 15.02 -11.76 -0.42
N ALA A 89 14.27 -11.38 -1.45
CA ALA A 89 13.43 -12.31 -2.22
C ALA A 89 14.24 -13.42 -2.89
N ARG A 90 15.37 -13.08 -3.50
CA ARG A 90 16.19 -14.11 -4.15
C ARG A 90 16.71 -15.11 -3.11
N LYS A 91 17.10 -14.59 -1.95
CA LYS A 91 17.60 -15.43 -0.85
C LYS A 91 16.47 -16.33 -0.26
N ALA A 92 15.27 -15.79 -0.16
CA ALA A 92 14.10 -16.57 0.27
C ALA A 92 13.74 -17.68 -0.71
N LEU A 93 13.81 -17.40 -2.01
CA LEU A 93 13.54 -18.41 -3.03
C LEU A 93 14.50 -19.59 -2.91
N ILE A 94 15.78 -19.27 -2.68
CA ILE A 94 16.77 -20.31 -2.47
C ILE A 94 16.44 -21.14 -1.21
N ASP A 95 16.03 -20.47 -0.14
CA ASP A 95 15.75 -21.17 1.12
C ASP A 95 14.57 -22.13 0.96
N ALA A 96 13.65 -21.77 0.08
CA ALA A 96 12.50 -22.61 -0.26
C ALA A 96 12.80 -23.61 -1.39
N ASN A 97 13.99 -23.53 -1.98
CA ASN A 97 14.34 -24.38 -3.13
C ASN A 97 13.30 -24.33 -4.28
N ILE A 98 12.82 -23.15 -4.64
CA ILE A 98 11.95 -23.00 -5.82
C ILE A 98 12.38 -21.82 -6.70
N GLY A 99 11.98 -21.88 -7.97
CA GLY A 99 12.19 -20.79 -8.91
C GLY A 99 11.02 -19.81 -8.96
N ILE A 100 11.30 -18.61 -9.44
CA ILE A 100 10.28 -17.55 -9.51
C ILE A 100 9.03 -17.95 -10.30
N GLU A 101 9.19 -18.91 -11.21
CA GLU A 101 8.07 -19.31 -12.07
C GLU A 101 6.92 -19.93 -11.27
N LYS A 102 7.17 -20.30 -10.02
CA LYS A 102 6.17 -20.98 -9.20
C LYS A 102 5.33 -20.02 -8.36
N ILE A 103 5.80 -18.78 -8.27
CA ILE A 103 5.18 -17.75 -7.46
C ILE A 103 3.93 -17.18 -8.15
N GLY A 104 2.78 -17.28 -7.48
CA GLY A 104 1.52 -16.78 -8.02
C GLY A 104 1.08 -15.44 -7.47
N LEU A 105 1.77 -14.98 -6.43
CA LEU A 105 1.42 -13.76 -5.74
C LEU A 105 2.70 -13.17 -5.16
N LEU A 106 2.91 -11.87 -5.35
CA LEU A 106 4.03 -11.16 -4.73
C LEU A 106 3.52 -9.87 -4.13
N ILE A 107 3.64 -9.76 -2.80
CA ILE A 107 3.25 -8.55 -2.07
C ILE A 107 4.47 -7.89 -1.41
N ASN A 108 4.62 -6.60 -1.66
CA ASN A 108 5.64 -5.75 -1.02
C ASN A 108 5.02 -4.98 0.15
N THR A 109 5.61 -5.06 1.35
CA THR A 109 4.97 -4.52 2.56
C THR A 109 5.69 -3.33 3.20
N SER A 110 6.67 -2.77 2.48
CA SER A 110 7.57 -1.81 3.12
C SER A 110 6.96 -0.43 3.28
N VAL A 111 7.45 0.31 4.28
CA VAL A 111 7.17 1.73 4.46
C VAL A 111 7.92 2.53 3.37
N SER A 112 9.20 2.25 3.20
CA SER A 112 9.96 2.90 2.11
C SER A 112 9.32 2.54 0.75
N ARG A 113 9.34 3.46 -0.20
CA ARG A 113 8.88 3.12 -1.54
C ARG A 113 9.65 3.90 -2.60
N ASP A 114 9.77 3.31 -3.81
CA ASP A 114 10.51 3.96 -4.89
C ASP A 114 9.78 5.21 -5.43
N TYR A 115 8.48 5.06 -5.69
CA TYR A 115 7.63 6.11 -6.24
C TYR A 115 6.23 5.98 -5.60
N LEU A 116 5.41 7.03 -5.69
CA LEU A 116 4.00 6.87 -5.34
C LEU A 116 3.35 5.87 -6.30
N GLU A 117 3.78 5.92 -7.56
CA GLU A 117 3.38 4.94 -8.57
C GLU A 117 4.53 4.75 -9.57
N PRO A 118 4.74 3.51 -10.05
CA PRO A 118 3.98 2.28 -9.75
C PRO A 118 4.32 1.71 -8.38
N SER A 119 3.71 0.58 -8.03
CA SER A 119 4.02 -0.08 -6.76
C SER A 119 5.46 -0.57 -6.77
N THR A 120 6.03 -0.65 -5.58
CA THR A 120 7.37 -1.19 -5.42
C THR A 120 7.35 -2.67 -5.80
N ALA A 121 6.22 -3.33 -5.50
CA ALA A 121 6.01 -4.73 -5.91
C ALA A 121 6.22 -5.00 -7.40
N SER A 122 5.71 -4.11 -8.26
N SER A 122 5.74 -4.11 -8.25
CA SER A 122 5.90 -4.29 -9.71
CA SER A 122 5.90 -4.27 -9.71
C SER A 122 7.37 -4.19 -10.09
C SER A 122 7.36 -4.18 -10.11
N ILE A 123 8.10 -3.33 -9.39
CA ILE A 123 9.53 -3.16 -9.67
C ILE A 123 10.29 -4.42 -9.25
N VAL A 124 10.00 -4.93 -8.05
CA VAL A 124 10.62 -6.17 -7.56
C VAL A 124 10.26 -7.33 -8.50
N SER A 125 8.98 -7.41 -8.87
CA SER A 125 8.52 -8.46 -9.78
C SER A 125 9.21 -8.44 -11.16
N GLY A 126 9.38 -7.25 -11.75
CA GLY A 126 10.16 -7.14 -12.99
C GLY A 126 11.61 -7.58 -12.84
N ASN A 127 12.24 -7.17 -11.73
CA ASN A 127 13.61 -7.58 -11.40
C ASN A 127 13.73 -9.10 -11.34
N LEU A 128 12.78 -9.75 -10.66
CA LEU A 128 12.82 -11.21 -10.48
C LEU A 128 12.34 -12.00 -11.70
N GLY A 129 11.52 -11.37 -12.55
CA GLY A 129 11.01 -12.04 -13.72
C GLY A 129 9.81 -12.96 -13.48
N VAL A 130 8.85 -12.52 -12.68
CA VAL A 130 7.62 -13.28 -12.46
C VAL A 130 6.88 -13.49 -13.78
N SER A 131 6.01 -14.49 -13.82
CA SER A 131 5.25 -14.79 -15.03
C SER A 131 4.07 -13.83 -15.15
N ASP A 132 3.40 -13.85 -16.30
CA ASP A 132 2.28 -12.95 -16.57
C ASP A 132 0.99 -13.40 -15.86
N HIS A 133 1.06 -14.51 -15.13
CA HIS A 133 -0.04 -14.96 -14.27
C HIS A 133 0.15 -14.49 -12.80
N CYS A 134 1.33 -13.96 -12.47
CA CYS A 134 1.62 -13.55 -11.08
C CYS A 134 0.91 -12.25 -10.70
N MET A 135 0.18 -12.29 -9.58
CA MET A 135 -0.53 -11.13 -9.06
C MET A 135 0.38 -10.33 -8.13
N THR A 136 0.49 -9.02 -8.35
CA THR A 136 1.40 -8.20 -7.55
C THR A 136 0.79 -6.87 -7.11
N PHE A 137 1.14 -6.42 -5.90
CA PHE A 137 0.74 -5.11 -5.36
C PHE A 137 1.46 -4.82 -4.03
N ASP A 138 1.46 -3.55 -3.59
CA ASP A 138 2.00 -3.16 -2.27
C ASP A 138 0.90 -3.12 -1.22
N VAL A 139 1.25 -3.47 0.02
CA VAL A 139 0.43 -3.18 1.19
C VAL A 139 1.25 -2.25 2.09
N ALA A 140 0.63 -1.20 2.63
CA ALA A 140 1.35 -0.30 3.54
C ALA A 140 0.56 -0.12 4.82
N ASN A 141 1.23 -0.26 5.96
CA ASN A 141 0.58 -0.14 7.27
C ASN A 141 1.60 0.01 8.39
N ALA A 142 2.54 0.94 8.23
CA ALA A 142 3.61 1.13 9.20
C ALA A 142 4.27 -0.21 9.53
N SER A 143 4.54 -0.48 10.81
N SER A 143 4.57 -0.49 10.79
CA SER A 143 5.34 -1.65 11.18
CA SER A 143 5.37 -1.66 11.11
C SER A 143 4.62 -3.01 11.16
C SER A 143 4.60 -3.00 11.24
N LEU A 144 3.31 -3.01 10.91
CA LEU A 144 2.56 -4.27 10.92
C LEU A 144 2.34 -4.92 9.55
N ALA A 145 2.72 -4.22 8.49
CA ALA A 145 2.38 -4.63 7.13
C ALA A 145 2.86 -6.02 6.67
N PHE A 146 3.99 -6.51 7.17
CA PHE A 146 4.44 -7.83 6.77
C PHE A 146 3.43 -8.88 7.25
N ILE A 147 2.97 -8.70 8.48
CA ILE A 147 1.96 -9.59 8.99
C ILE A 147 0.67 -9.42 8.16
N ASN A 148 0.29 -8.19 7.80
CA ASN A 148 -0.87 -8.00 6.91
C ASN A 148 -0.68 -8.75 5.59
N GLY A 149 0.54 -8.71 5.06
CA GLY A 149 0.84 -9.38 3.80
C GLY A 149 0.76 -10.90 3.93
N MET A 150 1.32 -11.44 5.01
CA MET A 150 1.22 -12.87 5.28
C MET A 150 -0.23 -13.34 5.35
N ASP A 151 -1.10 -12.54 5.98
CA ASP A 151 -2.53 -12.92 6.08
C ASP A 151 -3.20 -12.90 4.71
N ILE A 152 -2.88 -11.89 3.90
CA ILE A 152 -3.49 -11.78 2.58
C ILE A 152 -3.08 -12.99 1.71
N ALA A 153 -1.80 -13.34 1.74
CA ALA A 153 -1.31 -14.53 1.03
C ALA A 153 -1.98 -15.81 1.56
N ALA A 154 -2.04 -15.94 2.88
CA ALA A 154 -2.62 -17.11 3.53
C ALA A 154 -4.04 -17.38 3.07
N ARG A 155 -4.84 -16.33 2.89
CA ARG A 155 -6.22 -16.52 2.44
C ARG A 155 -6.28 -17.12 1.05
N MET A 156 -5.37 -16.72 0.18
CA MET A 156 -5.29 -17.30 -1.17
C MET A 156 -4.75 -18.74 -1.14
N LEU A 157 -3.73 -18.98 -0.33
CA LEU A 157 -3.15 -20.31 -0.24
C LEU A 157 -4.09 -21.32 0.37
N GLU A 158 -4.73 -20.93 1.46
CA GLU A 158 -5.73 -21.78 2.10
C GLU A 158 -6.81 -22.25 1.11
N ARG A 159 -7.38 -21.34 0.32
CA ARG A 159 -8.38 -21.79 -0.66
C ARG A 159 -7.82 -22.41 -1.94
N GLY A 160 -6.50 -22.40 -2.09
CA GLY A 160 -5.84 -23.10 -3.18
C GLY A 160 -5.82 -22.34 -4.49
N GLU A 161 -5.97 -21.01 -4.42
CA GLU A 161 -5.90 -20.17 -5.62
C GLU A 161 -4.48 -20.13 -6.19
N ILE A 162 -3.49 -20.27 -5.32
CA ILE A 162 -2.09 -20.26 -5.71
C ILE A 162 -1.34 -21.35 -4.94
N ASP A 163 -0.14 -21.68 -5.40
CA ASP A 163 0.69 -22.70 -4.72
C ASP A 163 1.73 -22.02 -3.81
N TYR A 164 2.29 -20.92 -4.29
CA TYR A 164 3.34 -20.22 -3.58
C TYR A 164 3.17 -18.72 -3.69
N ALA A 165 3.54 -18.02 -2.63
CA ALA A 165 3.56 -16.55 -2.62
C ALA A 165 4.86 -16.02 -2.05
N LEU A 166 5.24 -14.83 -2.49
CA LEU A 166 6.35 -14.11 -1.89
C LEU A 166 5.83 -12.88 -1.16
N VAL A 167 6.26 -12.69 0.08
CA VAL A 167 6.02 -11.46 0.82
C VAL A 167 7.38 -10.81 1.07
N VAL A 168 7.52 -9.55 0.64
CA VAL A 168 8.86 -8.91 0.57
C VAL A 168 8.84 -7.50 1.16
N ASP A 169 9.99 -7.06 1.68
CA ASP A 169 10.06 -5.82 2.43
C ASP A 169 11.50 -5.29 2.55
N GLY A 170 11.80 -4.17 1.90
CA GLY A 170 13.10 -3.52 2.03
C GLY A 170 12.90 -2.13 2.62
N GLU A 171 13.69 -1.77 3.63
CA GLU A 171 13.57 -0.46 4.25
C GLU A 171 14.82 0.37 4.09
N THR A 172 14.68 1.59 3.61
N THR A 172 14.65 1.62 3.67
CA THR A 172 15.83 2.48 3.57
CA THR A 172 15.73 2.58 3.48
C THR A 172 15.67 3.76 4.38
C THR A 172 15.62 3.78 4.43
N ALA A 173 16.58 3.92 5.35
CA ALA A 173 16.58 5.05 6.27
C ALA A 173 17.66 6.10 5.97
N ASN A 174 18.41 5.91 4.88
CA ASN A 174 19.52 6.81 4.57
C ASN A 174 19.14 8.31 4.51
N LEU A 175 18.10 8.61 3.75
CA LEU A 175 17.69 9.98 3.58
C LEU A 175 17.16 10.59 4.88
N VAL A 176 16.43 9.82 5.68
CA VAL A 176 15.94 10.37 6.94
C VAL A 176 17.09 10.71 7.89
N TYR A 177 18.12 9.87 7.97
CA TYR A 177 19.29 10.23 8.76
C TYR A 177 19.96 11.49 8.21
N GLU A 178 20.18 11.52 6.90
CA GLU A 178 20.90 12.63 6.26
C GLU A 178 20.23 13.98 6.53
N LYS A 179 18.92 14.05 6.33
CA LYS A 179 18.23 15.33 6.46
C LYS A 179 17.93 15.68 7.92
N THR A 180 17.62 14.67 8.74
CA THR A 180 17.33 14.93 10.15
C THR A 180 18.58 15.49 10.82
N LEU A 181 19.72 14.86 10.55
CA LEU A 181 20.97 15.33 11.16
C LEU A 181 21.31 16.77 10.75
N GLU A 182 21.09 17.11 9.48
CA GLU A 182 21.28 18.48 9.01
C GLU A 182 20.36 19.50 9.74
N ARG A 183 19.06 19.18 9.82
CA ARG A 183 18.14 20.05 10.55
C ARG A 183 18.54 20.21 12.04
N MET A 184 18.85 19.10 12.70
CA MET A 184 19.19 19.12 14.12
C MET A 184 20.47 19.88 14.48
N THR A 185 21.40 19.97 13.53
CA THR A 185 22.67 20.64 13.76
C THR A 185 22.68 22.08 13.22
N SER A 186 21.52 22.56 12.75
N SER A 186 21.52 22.55 12.74
CA SER A 186 21.42 23.95 12.29
CA SER A 186 21.40 23.94 12.30
C SER A 186 21.43 24.89 13.49
C SER A 186 21.43 24.89 13.50
N PRO A 187 22.07 26.06 13.33
CA PRO A 187 22.21 27.01 14.44
C PRO A 187 20.88 27.51 15.03
N ASP A 188 19.79 27.28 14.32
CA ASP A 188 18.50 27.85 14.69
C ASP A 188 17.43 26.79 14.97
N VAL A 189 17.83 25.53 15.12
CA VAL A 189 16.84 24.48 15.41
C VAL A 189 16.25 24.71 16.79
N THR A 190 14.95 24.51 16.91
CA THR A 190 14.26 24.73 18.18
C THR A 190 14.28 23.46 19.01
N GLU A 191 14.23 23.63 20.33
CA GLU A 191 14.09 22.50 21.23
C GLU A 191 12.90 21.61 20.86
N GLU A 192 11.77 22.24 20.50
CA GLU A 192 10.60 21.45 20.12
C GLU A 192 10.84 20.56 18.88
N GLU A 193 11.44 21.13 17.85
CA GLU A 193 11.73 20.38 16.63
C GLU A 193 12.75 19.26 16.89
N PHE A 194 13.77 19.56 17.69
CA PHE A 194 14.76 18.57 18.09
C PHE A 194 14.09 17.37 18.78
N ARG A 195 13.28 17.63 19.80
CA ARG A 195 12.60 16.53 20.49
C ARG A 195 11.66 15.78 19.56
N ASN A 196 10.95 16.51 18.71
CA ASN A 196 10.00 15.91 17.77
C ASN A 196 10.64 14.96 16.78
N GLU A 197 11.87 15.26 16.38
CA GLU A 197 12.52 14.47 15.34
C GLU A 197 13.49 13.41 15.85
N LEU A 198 13.75 13.42 17.16
CA LEU A 198 14.77 12.54 17.76
C LEU A 198 14.57 11.04 17.46
N ALA A 199 13.32 10.57 17.47
CA ALA A 199 13.07 9.15 17.26
C ALA A 199 13.47 8.69 15.86
N ALA A 200 13.55 9.62 14.91
CA ALA A 200 14.06 9.28 13.57
C ALA A 200 15.45 8.63 13.67
N LEU A 201 16.21 9.04 14.67
CA LEU A 201 17.55 8.54 14.85
C LEU A 201 17.58 7.18 15.58
N THR A 202 16.42 6.55 15.70
CA THR A 202 16.36 5.18 16.18
C THR A 202 16.01 4.16 15.07
N LEU A 203 15.78 4.64 13.85
CA LEU A 203 15.43 3.79 12.69
C LEU A 203 16.66 3.05 12.13
N GLY A 204 16.44 1.93 11.44
CA GLY A 204 17.55 1.24 10.78
C GLY A 204 17.19 0.71 9.40
N CYS A 205 18.19 0.46 8.54
CA CYS A 205 17.96 -0.22 7.25
C CYS A 205 18.02 -1.75 7.37
N GLY A 206 17.31 -2.44 6.48
CA GLY A 206 17.33 -3.89 6.43
C GLY A 206 16.29 -4.44 5.46
N ALA A 207 16.29 -5.76 5.26
CA ALA A 207 15.26 -6.35 4.39
C ALA A 207 14.91 -7.76 4.79
N ALA A 208 13.71 -8.20 4.41
CA ALA A 208 13.25 -9.57 4.67
C ALA A 208 12.32 -10.06 3.58
N ALA A 209 12.23 -11.38 3.42
CA ALA A 209 11.27 -11.94 2.49
C ALA A 209 10.89 -13.33 2.94
N MET A 210 9.66 -13.72 2.66
CA MET A 210 9.17 -15.02 3.05
C MET A 210 8.47 -15.67 1.86
N VAL A 211 8.71 -16.96 1.64
CA VAL A 211 7.96 -17.72 0.66
C VAL A 211 6.94 -18.53 1.43
N MET A 212 5.67 -18.30 1.14
CA MET A 212 4.61 -19.10 1.77
C MET A 212 4.07 -20.10 0.76
N ALA A 213 3.51 -21.21 1.27
CA ALA A 213 3.08 -22.32 0.41
C ALA A 213 1.92 -23.07 1.03
N ARG A 214 1.16 -23.76 0.17
CA ARG A 214 0.19 -24.73 0.65
C ARG A 214 0.96 -25.86 1.31
N SER A 215 0.52 -26.22 2.52
CA SER A 215 1.22 -27.21 3.33
C SER A 215 1.45 -28.54 2.65
N GLU A 216 0.50 -28.96 1.81
CA GLU A 216 0.63 -30.21 1.04
C GLU A 216 1.93 -30.29 0.23
N LEU A 217 2.44 -29.15 -0.18
CA LEU A 217 3.66 -29.11 -0.98
C LEU A 217 4.91 -29.20 -0.10
N VAL A 218 4.76 -28.80 1.16
CA VAL A 218 5.88 -28.73 2.08
C VAL A 218 5.53 -29.23 3.49
N PRO A 219 5.31 -30.55 3.64
CA PRO A 219 4.77 -31.16 4.86
C PRO A 219 5.62 -30.98 6.12
N ASP A 220 6.91 -30.71 5.96
CA ASP A 220 7.77 -30.51 7.13
C ASP A 220 8.03 -29.05 7.46
N ALA A 221 7.49 -28.14 6.66
CA ALA A 221 7.64 -26.71 6.92
C ALA A 221 6.81 -26.25 8.12
N PRO A 222 7.25 -25.16 8.78
CA PRO A 222 6.47 -24.52 9.84
C PRO A 222 5.08 -24.09 9.34
N ARG A 223 4.11 -24.03 10.23
CA ARG A 223 2.73 -23.65 9.89
C ARG A 223 2.41 -22.26 10.41
N TYR A 224 1.77 -21.46 9.56
CA TYR A 224 1.28 -20.14 9.96
C TYR A 224 -0.21 -20.20 10.24
N LYS A 225 -0.60 -19.87 11.47
CA LYS A 225 -2.01 -19.96 11.90
C LYS A 225 -2.79 -18.64 11.80
N GLY A 226 -2.07 -17.53 11.63
CA GLY A 226 -2.67 -16.22 11.75
C GLY A 226 -2.92 -15.84 13.21
N GLY A 227 -3.88 -14.95 13.42
CA GLY A 227 -4.24 -14.57 14.78
C GLY A 227 -5.20 -13.41 14.76
N VAL A 228 -4.95 -12.41 15.62
CA VAL A 228 -5.91 -11.34 15.88
C VAL A 228 -5.30 -9.95 15.68
N THR A 229 -6.16 -8.95 15.50
CA THR A 229 -5.76 -7.55 15.33
C THR A 229 -6.76 -6.64 16.07
N ARG A 230 -6.27 -5.59 16.72
CA ARG A 230 -7.11 -4.55 17.29
C ARG A 230 -6.51 -3.22 16.88
N SER A 231 -7.31 -2.15 16.92
CA SER A 231 -6.82 -0.85 16.49
C SER A 231 -7.21 0.27 17.47
N ALA A 232 -6.46 1.38 17.39
CA ALA A 232 -6.83 2.64 18.04
C ALA A 232 -6.51 3.81 17.10
N THR A 233 -7.28 3.94 16.02
CA THR A 233 -6.94 4.90 14.95
C THR A 233 -7.12 6.38 15.33
N GLU A 234 -7.75 6.66 16.49
CA GLU A 234 -7.78 8.03 17.04
C GLU A 234 -6.38 8.54 17.40
N TRP A 235 -5.40 7.62 17.43
CA TRP A 235 -4.02 8.01 17.71
C TRP A 235 -3.14 8.14 16.47
N ASN A 236 -3.74 8.39 15.31
CA ASN A 236 -2.97 8.41 14.05
C ASN A 236 -1.99 9.58 13.90
N LYS A 237 -2.07 10.60 14.75
CA LYS A 237 -1.12 11.71 14.66
C LYS A 237 0.19 11.50 15.41
N LEU A 238 0.25 10.45 16.24
CA LEU A 238 1.41 10.25 17.14
C LEU A 238 2.77 10.09 16.46
N CYS A 239 2.78 9.52 15.25
CA CYS A 239 4.03 9.27 14.56
C CYS A 239 3.85 9.42 13.05
N ARG A 240 4.37 10.52 12.51
CA ARG A 240 4.21 10.82 11.09
C ARG A 240 5.56 10.86 10.35
N GLY A 241 5.66 10.07 9.28
CA GLY A 241 6.89 9.93 8.55
C GLY A 241 6.83 10.09 7.03
N ASN A 242 7.89 10.68 6.49
N ASN A 242 7.83 10.77 6.47
CA ASN A 242 8.09 10.74 5.05
CA ASN A 242 8.05 10.76 5.02
C ASN A 242 9.52 10.36 4.74
C ASN A 242 9.49 10.34 4.72
N LEU A 243 9.91 10.49 3.46
CA LEU A 243 11.23 10.02 3.06
C LEU A 243 12.36 10.67 3.84
N ASP A 244 12.22 11.95 4.19
CA ASP A 244 13.33 12.66 4.85
C ASP A 244 13.05 13.17 6.27
N ARG A 245 11.90 12.80 6.83
CA ARG A 245 11.51 13.31 8.13
C ARG A 245 10.57 12.34 8.87
N MET A 246 10.80 12.15 10.17
CA MET A 246 9.83 11.47 11.04
C MET A 246 9.62 12.24 12.34
N VAL A 247 8.35 12.50 12.66
CA VAL A 247 7.95 13.29 13.81
C VAL A 247 7.16 12.38 14.75
N THR A 248 7.55 12.34 16.01
CA THR A 248 7.00 11.32 16.93
C THR A 248 6.81 11.83 18.36
N ASP A 249 5.63 11.54 18.92
CA ASP A 249 5.39 11.75 20.34
C ASP A 249 5.68 10.46 21.09
N THR A 250 6.95 10.30 21.49
CA THR A 250 7.44 9.05 22.04
C THR A 250 6.74 8.66 23.34
N ARG A 251 6.58 9.63 24.23
CA ARG A 251 5.86 9.43 25.50
C ARG A 251 4.43 8.86 25.32
N LEU A 252 3.65 9.50 24.47
CA LEU A 252 2.27 9.05 24.25
C LEU A 252 2.24 7.73 23.49
N LEU A 253 3.17 7.57 22.53
CA LEU A 253 3.25 6.34 21.76
C LEU A 253 3.41 5.15 22.69
N LEU A 254 4.25 5.31 23.72
CA LEU A 254 4.42 4.21 24.66
C LEU A 254 3.14 3.90 25.43
N ILE A 255 2.59 4.92 26.07
CA ILE A 255 1.42 4.72 26.90
C ILE A 255 0.25 4.15 26.10
N GLU A 256 -0.01 4.67 24.91
CA GLU A 256 -1.19 4.24 24.15
C GLU A 256 -0.96 2.90 23.44
N GLY A 257 0.30 2.68 23.05
CA GLY A 257 0.69 1.42 22.43
C GLY A 257 0.46 0.27 23.39
N ILE A 258 0.93 0.43 24.62
CA ILE A 258 0.80 -0.61 25.62
C ILE A 258 -0.65 -0.91 25.93
N LYS A 259 -1.48 0.13 25.97
CA LYS A 259 -2.88 -0.05 26.28
C LYS A 259 -3.57 -0.90 25.21
N LEU A 260 -3.21 -0.65 23.95
CA LEU A 260 -3.80 -1.37 22.81
C LEU A 260 -3.34 -2.83 22.80
N ALA A 261 -2.06 -3.06 23.09
CA ALA A 261 -1.53 -4.43 23.21
C ALA A 261 -2.27 -5.28 24.25
N GLN A 262 -2.58 -4.70 25.41
CA GLN A 262 -3.28 -5.48 26.44
C GLN A 262 -4.64 -5.90 25.93
N LYS A 263 -5.25 -5.01 25.15
CA LYS A 263 -6.55 -5.30 24.59
C LYS A 263 -6.41 -6.45 23.59
N THR A 264 -5.36 -6.38 22.78
CA THR A 264 -5.09 -7.40 21.79
C THR A 264 -4.75 -8.75 22.43
N PHE A 265 -4.00 -8.72 23.54
CA PHE A 265 -3.70 -9.95 24.30
C PHE A 265 -4.92 -10.69 24.84
N VAL A 266 -5.90 -9.95 25.33
CA VAL A 266 -7.15 -10.56 25.76
C VAL A 266 -7.76 -11.32 24.60
N ALA A 267 -7.72 -10.71 23.42
CA ALA A 267 -8.25 -11.33 22.22
C ALA A 267 -7.43 -12.58 21.85
N ALA A 268 -6.11 -12.47 21.95
CA ALA A 268 -5.22 -13.58 21.59
C ALA A 268 -5.47 -14.81 22.47
N LYS A 269 -5.69 -14.57 23.76
CA LYS A 269 -6.00 -15.65 24.69
C LYS A 269 -7.29 -16.34 24.30
N GLN A 270 -8.23 -15.55 23.79
CA GLN A 270 -9.51 -16.08 23.33
C GLN A 270 -9.38 -16.93 22.05
N VAL A 271 -8.82 -16.38 20.99
CA VAL A 271 -8.85 -17.12 19.72
C VAL A 271 -7.66 -18.06 19.52
N LEU A 272 -6.52 -17.74 20.13
CA LEU A 272 -5.31 -18.54 19.95
C LEU A 272 -5.08 -19.47 21.14
N GLY A 273 -5.74 -19.19 22.26
CA GLY A 273 -5.63 -20.04 23.45
C GLY A 273 -4.34 -19.80 24.19
N TRP A 274 -3.80 -18.60 24.02
CA TRP A 274 -2.47 -18.27 24.55
C TRP A 274 -2.36 -18.19 26.08
N ALA A 275 -1.38 -18.91 26.62
CA ALA A 275 -0.87 -18.67 27.95
C ALA A 275 0.64 -18.49 27.81
N VAL A 276 1.15 -17.37 28.31
CA VAL A 276 2.54 -16.95 28.11
C VAL A 276 3.61 -18.01 28.45
N GLU A 277 3.39 -18.80 29.49
CA GLU A 277 4.39 -19.81 29.86
C GLU A 277 4.38 -20.99 28.88
N GLU A 278 3.32 -21.08 28.08
CA GLU A 278 3.22 -22.13 27.06
C GLU A 278 3.72 -21.72 25.67
N LEU A 279 4.20 -20.49 25.54
CA LEU A 279 4.82 -20.04 24.30
C LEU A 279 6.35 -20.20 24.40
N ASP A 280 6.99 -20.58 23.30
CA ASP A 280 8.44 -20.82 23.31
C ASP A 280 9.28 -19.60 22.89
N GLN A 281 8.76 -18.81 21.95
CA GLN A 281 9.40 -17.56 21.53
C GLN A 281 8.39 -16.45 21.32
N PHE A 282 8.79 -15.22 21.63
CA PHE A 282 8.03 -14.01 21.32
C PHE A 282 8.86 -13.14 20.39
N VAL A 283 8.37 -12.96 19.17
CA VAL A 283 9.02 -12.14 18.17
C VAL A 283 8.32 -10.80 18.15
N ILE A 284 8.93 -9.79 18.77
CA ILE A 284 8.25 -8.52 19.02
C ILE A 284 8.82 -7.36 18.22
N HIS A 285 7.97 -6.61 17.51
CA HIS A 285 8.44 -5.38 16.87
C HIS A 285 8.98 -4.42 17.93
N GLN A 286 10.14 -3.82 17.71
CA GLN A 286 10.73 -2.94 18.73
C GLN A 286 10.92 -1.49 18.33
N VAL A 287 10.45 -0.59 19.20
CA VAL A 287 10.61 0.83 18.93
C VAL A 287 11.69 1.46 19.84
N SER A 288 11.97 0.80 20.97
CA SER A 288 13.05 1.21 21.88
C SER A 288 13.20 0.21 23.02
N ARG A 289 14.30 0.30 23.76
CA ARG A 289 14.51 -0.57 24.92
C ARG A 289 13.47 -0.41 26.04
N PRO A 290 13.13 0.83 26.43
CA PRO A 290 12.08 0.96 27.46
C PRO A 290 10.69 0.52 26.99
N HIS A 291 10.36 0.76 25.73
N HIS A 291 10.36 0.76 25.74
CA HIS A 291 9.06 0.31 25.18
CA HIS A 291 9.07 0.31 25.20
C HIS A 291 8.96 -1.22 25.30
C HIS A 291 8.96 -1.21 25.30
N THR A 292 10.03 -1.91 24.91
CA THR A 292 10.05 -3.37 24.96
C THR A 292 9.97 -3.92 26.39
N ALA A 293 10.77 -3.34 27.28
CA ALA A 293 10.74 -3.68 28.70
C ALA A 293 9.34 -3.51 29.31
N ALA A 294 8.65 -2.43 28.97
CA ALA A 294 7.30 -2.18 29.49
C ALA A 294 6.34 -3.24 28.96
N PHE A 295 6.47 -3.56 27.68
CA PHE A 295 5.67 -4.59 27.04
C PHE A 295 5.84 -5.92 27.77
N VAL A 296 7.10 -6.37 27.88
CA VAL A 296 7.42 -7.63 28.53
C VAL A 296 6.92 -7.72 29.96
N LYS A 297 7.20 -6.67 30.74
CA LYS A 297 6.73 -6.59 32.12
C LYS A 297 5.20 -6.64 32.19
N SER A 298 4.55 -5.98 31.24
CA SER A 298 3.07 -5.93 31.20
C SER A 298 2.42 -7.31 31.14
N PHE A 299 2.96 -8.18 30.30
CA PHE A 299 2.34 -9.49 30.08
C PHE A 299 3.02 -10.64 30.81
N GLY A 300 3.97 -10.33 31.69
CA GLY A 300 4.69 -11.34 32.45
C GLY A 300 5.55 -12.26 31.58
N ILE A 301 6.09 -11.73 30.48
CA ILE A 301 6.84 -12.53 29.54
C ILE A 301 8.27 -12.84 30.05
N ASP A 302 8.71 -14.09 29.89
CA ASP A 302 10.09 -14.49 30.20
C ASP A 302 11.04 -13.84 29.19
N PRO A 303 11.86 -12.89 29.67
CA PRO A 303 12.76 -12.10 28.83
C PRO A 303 13.72 -12.99 28.03
N ALA A 304 14.00 -14.18 28.54
CA ALA A 304 14.83 -15.15 27.81
C ALA A 304 14.15 -15.61 26.52
N LYS A 305 12.85 -15.36 26.41
CA LYS A 305 12.07 -15.79 25.25
C LYS A 305 11.88 -14.67 24.22
N VAL A 306 12.61 -13.56 24.40
CA VAL A 306 12.44 -12.36 23.59
C VAL A 306 13.77 -11.95 22.97
N MET A 307 13.95 -12.23 21.69
CA MET A 307 15.20 -11.82 21.05
C MET A 307 15.12 -10.36 20.68
N THR A 308 16.21 -9.63 20.89
CA THR A 308 16.23 -8.21 20.56
C THR A 308 17.37 -7.90 19.61
N ILE A 309 17.11 -7.12 18.55
CA ILE A 309 18.19 -6.64 17.67
C ILE A 309 18.23 -5.13 17.61
N PHE A 310 17.35 -4.47 18.36
CA PHE A 310 17.25 -3.02 18.37
C PHE A 310 18.57 -2.32 18.74
N GLY A 311 19.29 -2.92 19.68
CA GLY A 311 20.52 -2.35 20.22
C GLY A 311 21.56 -2.07 19.15
N GLU A 312 21.58 -2.91 18.13
CA GLU A 312 22.57 -2.81 17.05
C GLU A 312 21.97 -2.57 15.65
N HIS A 313 20.65 -2.68 15.52
CA HIS A 313 20.01 -2.49 14.21
C HIS A 313 18.94 -1.41 14.20
N GLY A 314 18.57 -0.94 15.39
CA GLY A 314 17.48 -0.01 15.53
C GLY A 314 16.17 -0.64 15.10
N ASN A 315 15.21 0.24 14.79
CA ASN A 315 13.86 -0.14 14.40
C ASN A 315 13.77 -0.18 12.87
N ILE A 316 13.58 -1.39 12.34
CA ILE A 316 13.54 -1.61 10.89
C ILE A 316 12.08 -1.68 10.37
N GLY A 317 11.16 -1.05 11.09
CA GLY A 317 9.80 -0.92 10.59
C GLY A 317 9.15 -2.27 10.39
N PRO A 318 8.39 -2.43 9.28
CA PRO A 318 7.66 -3.70 9.10
C PRO A 318 8.54 -4.91 8.81
N ALA A 319 9.81 -4.69 8.43
CA ALA A 319 10.76 -5.79 8.27
C ALA A 319 11.23 -6.40 9.59
N SER A 320 11.06 -5.68 10.70
CA SER A 320 11.68 -6.10 11.97
C SER A 320 11.25 -7.50 12.42
N VAL A 321 9.95 -7.76 12.40
CA VAL A 321 9.45 -9.07 12.84
C VAL A 321 9.98 -10.22 12.00
N PRO A 322 9.88 -10.14 10.65
CA PRO A 322 10.43 -11.27 9.89
C PRO A 322 11.96 -11.36 9.95
N ILE A 323 12.64 -10.23 10.08
CA ILE A 323 14.08 -10.26 10.29
C ILE A 323 14.43 -11.03 11.58
N VAL A 324 13.71 -10.74 12.66
CA VAL A 324 13.99 -11.41 13.93
C VAL A 324 13.72 -12.93 13.82
N LEU A 325 12.62 -13.29 13.15
CA LEU A 325 12.26 -14.71 12.99
C LEU A 325 13.30 -15.44 12.17
N SER A 326 13.78 -14.79 11.10
CA SER A 326 14.84 -15.33 10.27
C SER A 326 16.11 -15.52 11.08
N LYS A 327 16.48 -14.50 11.86
CA LYS A 327 17.65 -14.61 12.75
C LYS A 327 17.50 -15.75 13.76
N LEU A 328 16.30 -15.95 14.30
CA LEU A 328 16.09 -17.06 15.23
C LEU A 328 16.29 -18.39 14.53
N LYS A 329 15.75 -18.49 13.32
CA LYS A 329 15.92 -19.72 12.55
C LYS A 329 17.42 -19.99 12.31
N GLU A 330 18.13 -18.96 11.85
CA GLU A 330 19.56 -19.15 11.52
C GLU A 330 20.41 -19.48 12.75
N LEU A 331 20.00 -18.98 13.92
CA LEU A 331 20.73 -19.25 15.17
C LEU A 331 20.47 -20.66 15.73
N GLY A 332 19.58 -21.41 15.09
CA GLY A 332 19.28 -22.75 15.59
C GLY A 332 18.37 -22.71 16.82
N ARG A 333 17.83 -21.54 17.11
CA ARG A 333 16.99 -21.33 18.29
C ARG A 333 15.58 -21.97 18.18
N LEU A 334 15.17 -22.30 16.95
CA LEU A 334 13.83 -22.83 16.69
C LEU A 334 13.85 -24.34 16.44
N LYS A 335 12.95 -25.09 17.07
CA LYS A 335 12.89 -26.53 16.86
C LYS A 335 11.46 -26.95 16.56
N LYS A 336 11.30 -28.08 15.89
CA LYS A 336 9.99 -28.60 15.54
C LYS A 336 9.03 -28.63 16.72
N GLY A 337 7.85 -28.06 16.52
CA GLY A 337 6.82 -28.08 17.56
C GLY A 337 6.83 -26.83 18.41
N ASP A 338 7.87 -26.00 18.28
CA ASP A 338 7.94 -24.72 19.00
C ASP A 338 6.79 -23.80 18.64
N ARG A 339 6.17 -23.20 19.66
CA ARG A 339 5.10 -22.23 19.45
C ARG A 339 5.64 -20.81 19.52
N ILE A 340 5.52 -20.10 18.42
CA ILE A 340 6.12 -18.80 18.28
C ILE A 340 5.07 -17.71 18.11
N ALA A 341 5.11 -16.72 19.00
CA ALA A 341 4.22 -15.58 18.94
C ALA A 341 4.85 -14.42 18.19
N LEU A 342 4.17 -13.94 17.14
CA LEU A 342 4.55 -12.73 16.41
C LEU A 342 3.70 -11.58 16.98
N LEU A 343 4.33 -10.55 17.52
CA LEU A 343 3.61 -9.47 18.22
C LEU A 343 4.10 -8.11 17.74
N GLY A 344 3.21 -7.18 17.43
CA GLY A 344 3.67 -5.84 17.11
C GLY A 344 2.62 -4.77 17.31
N ILE A 345 3.04 -3.58 17.74
CA ILE A 345 2.21 -2.37 17.70
C ILE A 345 2.77 -1.45 16.59
N GLY A 346 1.92 -0.98 15.67
CA GLY A 346 2.34 -0.11 14.55
C GLY A 346 1.65 1.24 14.59
N SER A 347 2.31 2.29 14.07
CA SER A 347 1.67 3.60 13.98
C SER A 347 0.32 3.45 13.33
N GLY A 348 -0.67 4.15 13.87
CA GLY A 348 -2.04 4.01 13.42
C GLY A 348 -3.04 4.50 14.45
N LEU A 349 -3.02 3.94 15.67
CA LEU A 349 -2.30 2.73 16.07
C LEU A 349 -2.99 1.44 15.66
N ASN A 350 -2.18 0.40 15.44
CA ASN A 350 -2.64 -0.96 15.15
C ASN A 350 -1.84 -1.95 15.99
N CYS A 351 -2.42 -3.11 16.30
CA CYS A 351 -1.68 -4.16 17.01
C CYS A 351 -2.13 -5.52 16.48
N SER A 352 -1.17 -6.37 16.13
CA SER A 352 -1.47 -7.69 15.61
C SER A 352 -0.69 -8.75 16.39
N MET A 353 -1.32 -9.89 16.64
CA MET A 353 -0.65 -11.00 17.36
C MET A 353 -1.01 -12.29 16.64
N ALA A 354 0.00 -13.02 16.19
CA ALA A 354 -0.22 -14.23 15.39
C ALA A 354 0.72 -15.36 15.83
N GLU A 355 0.42 -16.59 15.41
CA GLU A 355 1.18 -17.75 15.84
C GLU A 355 1.78 -18.54 14.68
N VAL A 356 3.02 -18.98 14.85
CA VAL A 356 3.65 -19.93 13.94
C VAL A 356 3.99 -21.16 14.75
N VAL A 357 3.75 -22.34 14.19
CA VAL A 357 4.15 -23.56 14.86
C VAL A 357 5.28 -24.17 14.05
N TRP A 358 6.47 -24.17 14.62
CA TRP A 358 7.66 -24.55 13.88
C TRP A 358 7.63 -26.04 13.47
N LEU B 22 -14.55 -18.36 -8.11
CA LEU B 22 -15.31 -17.11 -8.13
C LEU B 22 -15.98 -16.82 -6.78
N PHE B 23 -16.13 -15.54 -6.47
CA PHE B 23 -16.83 -15.15 -5.24
C PHE B 23 -18.33 -15.48 -5.33
N GLN B 24 -18.83 -16.13 -4.27
CA GLN B 24 -20.21 -16.60 -4.20
C GLN B 24 -21.11 -15.72 -3.33
N ASN B 25 -20.52 -15.08 -2.32
CA ASN B 25 -21.32 -14.47 -1.25
C ASN B 25 -20.84 -13.04 -0.97
N VAL B 26 -20.43 -12.34 -2.04
CA VAL B 26 -19.96 -10.96 -1.90
C VAL B 26 -20.79 -9.98 -2.73
N SER B 27 -21.23 -8.91 -2.08
CA SER B 27 -22.07 -7.90 -2.70
C SER B 27 -21.52 -6.47 -2.51
N ILE B 28 -22.02 -5.55 -3.34
CA ILE B 28 -21.70 -4.14 -3.21
C ILE B 28 -22.86 -3.42 -2.53
N ALA B 29 -22.69 -3.12 -1.25
CA ALA B 29 -23.77 -2.58 -0.45
C ALA B 29 -23.99 -1.08 -0.67
N GLY B 30 -22.91 -0.36 -0.99
CA GLY B 30 -23.00 1.08 -1.22
C GLY B 30 -21.83 1.57 -2.04
N LEU B 31 -21.99 2.75 -2.65
CA LEU B 31 -20.98 3.32 -3.53
C LEU B 31 -21.18 4.82 -3.63
N ALA B 32 -20.09 5.58 -3.72
CA ALA B 32 -20.20 7.03 -3.88
C ALA B 32 -18.94 7.64 -4.52
N HIS B 33 -19.08 8.82 -5.11
CA HIS B 33 -17.93 9.53 -5.68
C HIS B 33 -18.00 11.01 -5.32
N ILE B 34 -16.84 11.67 -5.39
CA ILE B 34 -16.77 13.11 -5.20
C ILE B 34 -16.10 13.72 -6.45
N ASP B 35 -16.78 14.65 -7.11
CA ASP B 35 -16.14 15.44 -8.16
C ASP B 35 -15.45 16.66 -7.51
N ALA B 36 -14.19 16.92 -7.86
CA ALA B 36 -13.50 18.10 -7.33
C ALA B 36 -14.07 19.40 -7.90
N PRO B 37 -14.03 20.50 -7.12
CA PRO B 37 -14.84 21.70 -7.43
C PRO B 37 -14.33 22.71 -8.44
N HIS B 38 -13.02 22.78 -8.71
CA HIS B 38 -12.51 23.79 -9.64
C HIS B 38 -12.11 23.22 -11.02
N THR B 39 -12.59 23.86 -12.08
CA THR B 39 -12.32 23.40 -13.43
C THR B 39 -11.09 24.11 -13.98
N LEU B 40 -10.15 23.33 -14.50
CA LEU B 40 -9.01 23.87 -15.24
C LEU B 40 -9.14 23.37 -16.68
N THR B 41 -9.44 24.28 -17.60
CA THR B 41 -9.68 23.87 -18.98
C THR B 41 -8.36 23.69 -19.69
N SER B 42 -8.34 22.86 -20.72
CA SER B 42 -7.16 22.76 -21.56
C SER B 42 -6.91 24.04 -22.35
N LYS B 43 -7.97 24.80 -22.66
CA LYS B 43 -7.84 26.06 -23.38
C LYS B 43 -6.94 26.98 -22.56
N GLU B 44 -7.19 27.00 -21.25
CA GLU B 44 -6.46 27.86 -20.32
C GLU B 44 -5.00 27.42 -20.06
N ILE B 45 -4.79 26.12 -19.89
CA ILE B 45 -3.44 25.56 -19.88
C ILE B 45 -2.70 26.00 -21.15
N ASN B 46 -3.34 25.87 -22.32
CA ASN B 46 -2.67 26.23 -23.59
C ASN B 46 -2.28 27.70 -23.68
N GLU B 47 -3.03 28.55 -23.01
CA GLU B 47 -2.72 29.98 -22.98
C GLU B 47 -1.43 30.20 -22.20
N ARG B 48 -1.26 29.48 -21.09
CA ARG B 48 -0.02 29.60 -20.33
C ARG B 48 1.13 29.02 -21.14
N LEU B 49 0.86 27.90 -21.80
CA LEU B 49 1.90 27.17 -22.53
C LEU B 49 2.27 27.84 -23.84
N GLN B 50 1.41 28.74 -24.33
CA GLN B 50 1.54 29.26 -25.70
C GLN B 50 2.94 29.80 -26.05
N PRO B 51 3.52 30.68 -25.20
CA PRO B 51 4.87 31.16 -25.54
C PRO B 51 5.89 30.02 -25.66
N THR B 52 5.77 28.99 -24.84
CA THR B 52 6.59 27.79 -25.00
C THR B 52 6.30 27.08 -26.33
N TYR B 53 5.02 26.91 -26.65
CA TYR B 53 4.61 26.35 -27.94
C TYR B 53 5.29 27.06 -29.12
N ASP B 54 5.16 28.38 -29.18
CA ASP B 54 5.69 29.15 -30.32
C ASP B 54 7.22 29.09 -30.40
N ARG B 55 7.86 29.23 -29.25
CA ARG B 55 9.30 29.10 -29.16
C ARG B 55 9.76 27.73 -29.68
N LEU B 56 8.94 26.71 -29.48
CA LEU B 56 9.27 25.35 -29.92
C LEU B 56 8.65 24.97 -31.27
N GLY B 57 7.87 25.88 -31.84
CA GLY B 57 7.25 25.62 -33.14
C GLY B 57 6.20 24.53 -33.08
N ILE B 58 5.52 24.41 -31.94
CA ILE B 58 4.42 23.46 -31.77
C ILE B 58 3.13 24.08 -32.30
N LYS B 59 2.53 23.43 -33.29
CA LYS B 59 1.31 23.95 -33.95
C LYS B 59 0.06 23.13 -33.59
N THR B 60 0.26 22.04 -32.85
CA THR B 60 -0.84 21.13 -32.49
C THR B 60 -1.33 21.39 -31.06
N ASP B 61 -2.62 21.16 -30.83
CA ASP B 61 -3.20 21.11 -29.48
C ASP B 61 -3.36 19.64 -29.07
N VAL B 62 -2.28 19.06 -28.55
CA VAL B 62 -2.27 17.64 -28.22
C VAL B 62 -3.34 17.28 -27.19
N LEU B 63 -3.52 18.12 -26.18
CA LEU B 63 -4.46 17.80 -25.11
C LEU B 63 -5.88 17.73 -25.64
N GLY B 64 -6.28 18.77 -26.36
CA GLY B 64 -7.65 18.92 -26.82
C GLY B 64 -7.98 18.06 -28.02
N ASP B 65 -7.17 18.15 -29.07
CA ASP B 65 -7.44 17.48 -30.34
C ASP B 65 -6.96 16.02 -30.46
N VAL B 66 -5.94 15.63 -29.70
CA VAL B 66 -5.46 14.25 -29.77
C VAL B 66 -5.87 13.40 -28.55
N ALA B 67 -5.44 13.81 -27.36
CA ALA B 67 -5.82 13.11 -26.14
C ALA B 67 -7.33 13.21 -25.87
N GLY B 68 -7.94 14.31 -26.30
CA GLY B 68 -9.36 14.53 -26.03
C GLY B 68 -9.66 14.81 -24.57
N ILE B 69 -8.74 15.48 -23.88
CA ILE B 69 -9.04 16.02 -22.55
C ILE B 69 -9.18 17.54 -22.61
N HIS B 70 -10.41 18.01 -22.42
CA HIS B 70 -10.73 19.44 -22.57
C HIS B 70 -10.74 20.18 -21.23
N ALA B 71 -10.78 19.40 -20.15
CA ALA B 71 -10.79 19.94 -18.81
C ALA B 71 -10.45 18.87 -17.77
N ARG B 72 -10.04 19.28 -16.57
CA ARG B 72 -9.96 18.38 -15.42
C ARG B 72 -10.30 19.18 -14.17
N ARG B 73 -10.57 18.49 -13.06
CA ARG B 73 -10.92 19.16 -11.80
C ARG B 73 -9.76 19.21 -10.79
N LEU B 74 -9.66 20.32 -10.05
CA LEU B 74 -8.73 20.48 -8.92
C LEU B 74 -9.49 20.78 -7.61
N TRP B 75 -8.90 20.40 -6.47
CA TRP B 75 -9.49 20.74 -5.17
C TRP B 75 -9.14 22.17 -4.80
N ASP B 76 -9.78 22.65 -3.73
CA ASP B 76 -9.26 23.81 -2.99
C ASP B 76 -7.86 23.47 -2.48
N GLN B 77 -7.04 24.49 -2.24
CA GLN B 77 -5.70 24.22 -1.72
C GLN B 77 -5.77 23.52 -0.36
N ASP B 78 -4.69 22.84 0.01
CA ASP B 78 -4.62 22.04 1.25
C ASP B 78 -5.75 21.01 1.51
N VAL B 79 -6.38 20.49 0.46
CA VAL B 79 -7.14 19.26 0.61
C VAL B 79 -6.16 18.11 0.50
N GLN B 80 -6.12 17.26 1.52
CA GLN B 80 -5.20 16.13 1.50
C GLN B 80 -5.92 14.87 1.02
N ALA B 81 -5.16 13.83 0.69
CA ALA B 81 -5.75 12.60 0.17
C ALA B 81 -6.77 12.05 1.18
N SER B 82 -6.36 11.98 2.44
CA SER B 82 -7.24 11.48 3.50
C SER B 82 -8.56 12.26 3.58
N ASP B 83 -8.51 13.57 3.34
CA ASP B 83 -9.70 14.42 3.39
C ASP B 83 -10.69 14.03 2.30
N ALA B 84 -10.17 13.96 1.07
CA ALA B 84 -10.96 13.56 -0.09
C ALA B 84 -11.58 12.18 0.12
N ALA B 85 -10.77 11.22 0.57
CA ALA B 85 -11.25 9.86 0.82
C ALA B 85 -12.33 9.79 1.91
N THR B 86 -12.14 10.57 2.98
CA THR B 86 -13.11 10.65 4.08
C THR B 86 -14.47 11.20 3.58
N GLN B 87 -14.43 12.24 2.75
CA GLN B 87 -15.65 12.78 2.14
C GLN B 87 -16.41 11.69 1.38
N ALA B 88 -15.70 10.95 0.54
CA ALA B 88 -16.31 9.87 -0.24
C ALA B 88 -16.86 8.74 0.64
N ALA B 89 -16.11 8.36 1.67
CA ALA B 89 -16.51 7.31 2.58
C ALA B 89 -17.82 7.64 3.29
N ARG B 90 -17.98 8.88 3.75
CA ARG B 90 -19.20 9.25 4.49
C ARG B 90 -20.41 9.10 3.58
N LYS B 91 -20.21 9.50 2.33
CA LYS B 91 -21.24 9.41 1.29
C LYS B 91 -21.59 7.95 0.97
N ALA B 92 -20.58 7.09 0.95
CA ALA B 92 -20.79 5.68 0.64
C ALA B 92 -21.48 4.94 1.79
N LEU B 93 -21.14 5.30 3.03
CA LEU B 93 -21.86 4.76 4.19
C LEU B 93 -23.34 5.15 4.14
N ILE B 94 -23.62 6.39 3.77
CA ILE B 94 -25.02 6.81 3.61
C ILE B 94 -25.72 5.99 2.52
N ASP B 95 -25.05 5.82 1.38
CA ASP B 95 -25.58 5.01 0.29
C ASP B 95 -25.89 3.57 0.69
N ALA B 96 -25.06 3.00 1.58
CA ALA B 96 -25.27 1.64 2.11
C ALA B 96 -26.25 1.56 3.32
N ASN B 97 -26.66 2.71 3.84
CA ASN B 97 -27.50 2.74 5.05
C ASN B 97 -26.89 2.04 6.25
N ILE B 98 -25.59 2.22 6.46
CA ILE B 98 -24.98 1.63 7.66
C ILE B 98 -24.14 2.67 8.41
N GLY B 99 -24.00 2.48 9.71
CA GLY B 99 -23.13 3.32 10.51
C GLY B 99 -21.71 2.75 10.48
N ILE B 100 -20.74 3.59 10.80
CA ILE B 100 -19.32 3.22 10.74
C ILE B 100 -19.03 2.01 11.66
N GLU B 101 -19.82 1.84 12.72
CA GLU B 101 -19.55 0.77 13.67
C GLU B 101 -19.71 -0.63 13.07
N LYS B 102 -20.40 -0.75 11.94
CA LYS B 102 -20.51 -2.03 11.24
C LYS B 102 -19.27 -2.41 10.40
N ILE B 103 -18.37 -1.46 10.17
CA ILE B 103 -17.25 -1.71 9.24
C ILE B 103 -16.15 -2.49 9.97
N GLY B 104 -15.83 -3.68 9.48
CA GLY B 104 -14.79 -4.47 10.09
C GLY B 104 -13.44 -4.32 9.37
N LEU B 105 -13.45 -3.68 8.21
CA LEU B 105 -12.22 -3.55 7.40
C LEU B 105 -12.28 -2.27 6.59
N LEU B 106 -11.21 -1.48 6.61
CA LEU B 106 -11.13 -0.30 5.72
C LEU B 106 -9.78 -0.32 4.99
N ILE B 107 -9.83 -0.37 3.66
CA ILE B 107 -8.63 -0.33 2.82
C ILE B 107 -8.63 0.97 2.01
N ASN B 108 -7.51 1.70 2.05
CA ASN B 108 -7.31 2.87 1.20
C ASN B 108 -6.41 2.45 0.02
N THR B 109 -6.83 2.82 -1.19
CA THR B 109 -6.18 2.31 -2.39
C THR B 109 -5.61 3.43 -3.25
N SER B 110 -5.49 4.62 -2.70
CA SER B 110 -5.11 5.76 -3.57
C SER B 110 -3.63 5.78 -3.94
N VAL B 111 -3.31 6.43 -5.05
CA VAL B 111 -1.91 6.72 -5.37
C VAL B 111 -1.46 7.87 -4.49
N SER B 112 -2.28 8.92 -4.43
CA SER B 112 -2.00 10.06 -3.55
C SER B 112 -1.93 9.60 -2.09
N ARG B 113 -0.93 10.11 -1.37
CA ARG B 113 -0.80 9.88 0.07
C ARG B 113 0.07 11.02 0.57
N ASP B 114 -0.13 11.45 1.81
CA ASP B 114 0.69 12.58 2.28
C ASP B 114 1.78 12.15 3.24
N TYR B 115 1.71 10.90 3.68
CA TYR B 115 2.78 10.31 4.47
C TYR B 115 3.11 8.88 4.02
N LEU B 116 4.35 8.45 4.25
CA LEU B 116 4.69 7.05 4.11
C LEU B 116 4.16 6.26 5.32
N GLU B 117 4.12 6.90 6.48
CA GLU B 117 3.58 6.29 7.72
C GLU B 117 2.92 7.35 8.56
N PRO B 118 1.73 7.06 9.12
CA PRO B 118 0.98 5.81 9.07
C PRO B 118 0.24 5.65 7.73
N SER B 119 -0.51 4.55 7.59
CA SER B 119 -1.37 4.37 6.44
C SER B 119 -2.33 5.56 6.31
N THR B 120 -2.66 5.90 5.07
CA THR B 120 -3.70 6.90 4.83
C THR B 120 -5.03 6.30 5.31
N ALA B 121 -5.17 4.98 5.23
CA ALA B 121 -6.37 4.34 5.84
C ALA B 121 -6.57 4.63 7.34
N SER B 122 -5.51 4.69 8.14
CA SER B 122 -5.67 4.91 9.59
C SER B 122 -6.16 6.33 9.83
N ILE B 123 -5.78 7.24 8.96
CA ILE B 123 -6.15 8.64 9.10
C ILE B 123 -7.63 8.81 8.74
N VAL B 124 -8.04 8.25 7.61
CA VAL B 124 -9.45 8.23 7.22
C VAL B 124 -10.26 7.54 8.34
N SER B 125 -9.73 6.44 8.87
CA SER B 125 -10.45 5.66 9.90
C SER B 125 -10.68 6.44 11.18
N GLY B 126 -9.67 7.20 11.58
CA GLY B 126 -9.76 8.08 12.74
C GLY B 126 -10.77 9.20 12.49
N ASN B 127 -10.76 9.74 11.28
CA ASN B 127 -11.76 10.74 10.87
C ASN B 127 -13.17 10.19 11.01
N LEU B 128 -13.37 8.94 10.59
CA LEU B 128 -14.72 8.35 10.56
C LEU B 128 -15.12 7.81 11.94
N GLY B 129 -14.14 7.48 12.78
CA GLY B 129 -14.41 6.88 14.08
C GLY B 129 -14.70 5.37 14.09
N VAL B 130 -13.93 4.61 13.33
CA VAL B 130 -14.06 3.16 13.30
C VAL B 130 -13.84 2.54 14.67
N SER B 131 -14.31 1.32 14.86
CA SER B 131 -14.22 0.66 16.16
C SER B 131 -12.85 0.06 16.34
N ASP B 132 -12.52 -0.28 17.58
CA ASP B 132 -11.24 -0.92 17.92
C ASP B 132 -11.09 -2.33 17.34
N HIS B 133 -12.15 -2.88 16.74
CA HIS B 133 -12.04 -4.17 16.05
C HIS B 133 -11.72 -4.00 14.55
N CYS B 134 -11.69 -2.77 14.06
CA CYS B 134 -11.62 -2.53 12.63
C CYS B 134 -10.18 -2.67 12.14
N MET B 135 -9.97 -3.55 11.17
CA MET B 135 -8.66 -3.74 10.53
C MET B 135 -8.48 -2.71 9.43
N THR B 136 -7.33 -2.02 9.41
CA THR B 136 -7.14 -1.00 8.37
C THR B 136 -5.74 -1.09 7.77
N PHE B 137 -5.61 -0.75 6.49
CA PHE B 137 -4.29 -0.68 5.84
C PHE B 137 -4.44 -0.13 4.43
N ASP B 138 -3.32 0.21 3.78
CA ASP B 138 -3.33 0.73 2.41
C ASP B 138 -2.93 -0.35 1.42
N VAL B 139 -3.46 -0.25 0.21
CA VAL B 139 -2.95 -1.02 -0.93
C VAL B 139 -2.49 0.00 -1.98
N ALA B 140 -1.30 -0.21 -2.54
CA ALA B 140 -0.83 0.68 -3.61
C ALA B 140 -0.51 -0.14 -4.85
N ASN B 141 -1.08 0.24 -5.98
CA ASN B 141 -0.86 -0.46 -7.24
C ASN B 141 -1.24 0.40 -8.47
N ALA B 142 -0.77 1.65 -8.47
CA ALA B 142 -1.15 2.62 -9.50
C ALA B 142 -2.65 2.58 -9.67
N SER B 143 -3.13 2.60 -10.91
CA SER B 143 -4.58 2.72 -11.15
C SER B 143 -5.37 1.42 -10.97
N LEU B 144 -4.68 0.33 -10.62
CA LEU B 144 -5.38 -0.94 -10.43
C LEU B 144 -5.81 -1.18 -8.98
N ALA B 145 -5.26 -0.41 -8.05
CA ALA B 145 -5.40 -0.70 -6.62
C ALA B 145 -6.85 -0.81 -6.07
N PHE B 146 -7.82 -0.11 -6.67
CA PHE B 146 -9.18 -0.19 -6.11
C PHE B 146 -9.76 -1.61 -6.30
N ILE B 147 -9.58 -2.17 -7.49
CA ILE B 147 -9.96 -3.56 -7.76
C ILE B 147 -9.17 -4.54 -6.89
N ASN B 148 -7.86 -4.31 -6.73
CA ASN B 148 -7.09 -5.13 -5.79
C ASN B 148 -7.75 -5.14 -4.39
N GLY B 149 -8.07 -3.93 -3.89
CA GLY B 149 -8.71 -3.74 -2.59
C GLY B 149 -10.06 -4.42 -2.47
N MET B 150 -10.85 -4.34 -3.54
CA MET B 150 -12.12 -5.07 -3.61
C MET B 150 -11.92 -6.58 -3.43
N ASP B 151 -10.92 -7.14 -4.12
CA ASP B 151 -10.67 -8.58 -4.09
C ASP B 151 -10.17 -9.02 -2.71
N ILE B 152 -9.32 -8.19 -2.11
CA ILE B 152 -8.84 -8.47 -0.75
C ILE B 152 -9.99 -8.48 0.26
N ALA B 153 -10.88 -7.48 0.15
CA ALA B 153 -12.04 -7.43 1.02
C ALA B 153 -12.97 -8.63 0.76
N ALA B 154 -13.18 -8.97 -0.52
CA ALA B 154 -14.01 -10.11 -0.89
C ALA B 154 -13.57 -11.41 -0.23
N ARG B 155 -12.27 -11.68 -0.23
CA ARG B 155 -11.77 -12.90 0.42
C ARG B 155 -12.06 -12.94 1.94
N MET B 156 -11.94 -11.80 2.60
CA MET B 156 -12.25 -11.71 4.03
C MET B 156 -13.75 -11.88 4.29
N LEU B 157 -14.58 -11.31 3.43
CA LEU B 157 -16.04 -11.46 3.58
C LEU B 157 -16.46 -12.91 3.37
N GLU B 158 -15.95 -13.54 2.31
CA GLU B 158 -16.30 -14.92 1.97
C GLU B 158 -15.96 -15.87 3.11
N ARG B 159 -14.88 -15.55 3.79
CA ARG B 159 -14.29 -16.41 4.80
C ARG B 159 -14.96 -16.21 6.17
N GLY B 160 -15.76 -15.18 6.30
CA GLY B 160 -16.52 -14.94 7.52
C GLY B 160 -15.82 -14.10 8.58
N GLU B 161 -14.73 -13.42 8.19
CA GLU B 161 -13.94 -12.59 9.11
C GLU B 161 -14.61 -11.29 9.45
N ILE B 162 -15.41 -10.77 8.51
CA ILE B 162 -16.08 -9.49 8.66
C ILE B 162 -17.42 -9.57 7.93
N ASP B 163 -18.30 -8.63 8.25
CA ASP B 163 -19.59 -8.48 7.59
C ASP B 163 -19.60 -7.37 6.51
N TYR B 164 -18.91 -6.26 6.81
CA TYR B 164 -18.87 -5.08 5.92
C TYR B 164 -17.43 -4.57 5.78
N ALA B 165 -17.08 -4.08 4.59
CA ALA B 165 -15.75 -3.50 4.35
C ALA B 165 -15.91 -2.15 3.63
N LEU B 166 -15.06 -1.17 3.94
CA LEU B 166 -14.99 0.08 3.14
C LEU B 166 -13.74 0.02 2.29
N VAL B 167 -13.86 0.34 1.00
CA VAL B 167 -12.68 0.54 0.13
C VAL B 167 -12.72 2.01 -0.31
N VAL B 168 -11.67 2.78 -0.02
CA VAL B 168 -11.73 4.24 -0.23
C VAL B 168 -10.52 4.75 -1.05
N ASP B 169 -10.70 5.88 -1.74
CA ASP B 169 -9.66 6.37 -2.65
C ASP B 169 -9.87 7.84 -2.93
N GLY B 170 -8.98 8.69 -2.45
CA GLY B 170 -8.99 10.11 -2.77
C GLY B 170 -7.71 10.50 -3.50
N GLU B 171 -7.82 11.23 -4.63
CA GLU B 171 -6.64 11.64 -5.42
C GLU B 171 -6.46 13.17 -5.51
N THR B 172 -5.23 13.63 -5.32
CA THR B 172 -4.94 15.06 -5.25
C THR B 172 -3.88 15.41 -6.28
N ALA B 173 -4.30 16.10 -7.36
CA ALA B 173 -3.38 16.45 -8.44
C ALA B 173 -2.99 17.92 -8.50
N ASN B 174 -3.39 18.72 -7.50
CA ASN B 174 -3.08 20.15 -7.55
C ASN B 174 -1.60 20.43 -7.67
N LEU B 175 -0.79 19.73 -6.86
CA LEU B 175 0.64 20.00 -6.82
C LEU B 175 1.30 19.61 -8.13
N VAL B 176 0.92 18.45 -8.67
CA VAL B 176 1.52 18.02 -9.92
C VAL B 176 1.24 19.02 -11.03
N TYR B 177 0.04 19.61 -11.04
CA TYR B 177 -0.24 20.64 -12.04
C TYR B 177 0.60 21.90 -11.85
N GLU B 178 0.72 22.34 -10.60
CA GLU B 178 1.41 23.58 -10.28
C GLU B 178 2.87 23.50 -10.67
N LYS B 179 3.50 22.40 -10.29
CA LYS B 179 4.92 22.21 -10.56
C LYS B 179 5.18 21.91 -12.03
N THR B 180 4.33 21.10 -12.64
CA THR B 180 4.52 20.76 -14.06
C THR B 180 4.37 22.00 -14.96
N LEU B 181 3.37 22.84 -14.68
CA LEU B 181 3.21 24.06 -15.46
C LEU B 181 4.35 25.06 -15.22
N GLU B 182 4.91 25.05 -14.00
CA GLU B 182 6.12 25.84 -13.74
C GLU B 182 7.24 25.42 -14.67
N ARG B 183 7.53 24.12 -14.67
CA ARG B 183 8.59 23.58 -15.52
C ARG B 183 8.39 23.87 -17.02
N MET B 184 7.17 23.67 -17.51
CA MET B 184 6.89 23.82 -18.94
C MET B 184 6.88 25.28 -19.42
N THR B 185 6.86 26.23 -18.49
CA THR B 185 6.95 27.65 -18.85
C THR B 185 8.31 28.26 -18.53
N SER B 186 9.21 27.48 -17.94
CA SER B 186 10.57 27.96 -17.66
C SER B 186 11.20 28.22 -19.03
N PRO B 187 11.98 29.31 -19.15
CA PRO B 187 12.48 29.64 -20.50
C PRO B 187 13.48 28.63 -21.05
N ASP B 188 14.06 27.80 -20.19
CA ASP B 188 15.02 26.79 -20.65
C ASP B 188 14.37 25.55 -21.29
N VAL B 189 13.09 25.33 -21.00
CA VAL B 189 12.44 24.05 -21.29
C VAL B 189 12.54 23.57 -22.75
N THR B 190 12.84 22.28 -22.92
CA THR B 190 12.99 21.67 -24.25
C THR B 190 11.76 20.85 -24.61
N GLU B 191 11.65 20.52 -25.90
CA GLU B 191 10.50 19.78 -26.39
C GLU B 191 10.47 18.36 -25.83
N GLU B 192 11.64 17.80 -25.57
CA GLU B 192 11.68 16.45 -25.02
C GLU B 192 11.20 16.42 -23.57
N GLU B 193 11.55 17.47 -22.83
CA GLU B 193 11.09 17.60 -21.44
C GLU B 193 9.58 17.74 -21.47
N PHE B 194 9.09 18.56 -22.40
CA PHE B 194 7.65 18.76 -22.59
C PHE B 194 6.93 17.44 -22.84
N ARG B 195 7.38 16.69 -23.84
CA ARG B 195 6.74 15.43 -24.19
C ARG B 195 6.80 14.41 -23.06
N ASN B 196 7.88 14.48 -22.29
CA ASN B 196 8.09 13.57 -21.16
C ASN B 196 7.16 13.84 -19.97
N GLU B 197 6.61 15.04 -19.88
CA GLU B 197 5.73 15.34 -18.74
C GLU B 197 4.28 15.63 -19.15
N LEU B 198 4.03 15.61 -20.45
CA LEU B 198 2.70 15.93 -20.99
C LEU B 198 1.60 15.09 -20.34
N ALA B 199 1.86 13.81 -20.12
CA ALA B 199 0.83 12.93 -19.51
C ALA B 199 0.34 13.40 -18.12
N ALA B 200 1.17 14.13 -17.39
CA ALA B 200 0.77 14.68 -16.10
C ALA B 200 -0.38 15.70 -16.28
N LEU B 201 -0.44 16.33 -17.45
CA LEU B 201 -1.53 17.26 -17.77
C LEU B 201 -2.81 16.58 -18.25
N THR B 202 -2.87 15.26 -18.10
CA THR B 202 -4.11 14.52 -18.37
C THR B 202 -4.73 13.97 -17.08
N LEU B 203 -4.11 14.27 -15.95
CA LEU B 203 -4.59 13.76 -14.65
C LEU B 203 -5.67 14.69 -14.07
N GLY B 204 -6.44 14.17 -13.12
CA GLY B 204 -7.45 14.96 -12.43
C GLY B 204 -7.66 14.53 -10.99
N CYS B 205 -8.28 15.41 -10.20
CA CYS B 205 -8.63 15.13 -8.81
C CYS B 205 -10.00 14.49 -8.78
N GLY B 206 -10.25 13.70 -7.74
CA GLY B 206 -11.59 13.17 -7.50
C GLY B 206 -11.48 12.14 -6.38
N ALA B 207 -12.60 11.58 -5.94
CA ALA B 207 -12.58 10.54 -4.90
C ALA B 207 -13.73 9.53 -5.09
N ALA B 208 -13.57 8.35 -4.52
CA ALA B 208 -14.58 7.30 -4.57
C ALA B 208 -14.47 6.43 -3.33
N ALA B 209 -15.58 5.84 -2.93
CA ALA B 209 -15.56 4.86 -1.84
C ALA B 209 -16.66 3.84 -2.11
N MET B 210 -16.44 2.60 -1.65
CA MET B 210 -17.39 1.50 -1.84
C MET B 210 -17.55 0.69 -0.54
N VAL B 211 -18.79 0.35 -0.21
CA VAL B 211 -19.05 -0.57 0.90
C VAL B 211 -19.34 -1.94 0.32
N MET B 212 -18.55 -2.93 0.71
CA MET B 212 -18.80 -4.33 0.32
C MET B 212 -19.36 -5.11 1.52
N ALA B 213 -20.15 -6.15 1.26
CA ALA B 213 -20.81 -6.91 2.33
C ALA B 213 -21.02 -8.39 2.00
N ARG B 214 -21.26 -9.20 3.04
CA ARG B 214 -21.70 -10.57 2.84
C ARG B 214 -23.12 -10.50 2.28
N SER B 215 -23.41 -11.32 1.26
CA SER B 215 -24.65 -11.21 0.49
C SER B 215 -25.92 -11.51 1.31
N GLU B 216 -25.81 -12.38 2.31
CA GLU B 216 -26.99 -12.75 3.10
C GLU B 216 -27.52 -11.54 3.87
N LEU B 217 -26.66 -10.52 3.98
CA LEU B 217 -26.99 -9.31 4.70
C LEU B 217 -27.71 -8.29 3.80
N VAL B 218 -27.51 -8.41 2.48
CA VAL B 218 -27.99 -7.41 1.52
C VAL B 218 -28.46 -8.08 0.23
N PRO B 219 -29.58 -8.80 0.30
CA PRO B 219 -30.01 -9.65 -0.83
C PRO B 219 -30.32 -8.93 -2.16
N ASP B 220 -30.61 -7.64 -2.14
CA ASP B 220 -30.97 -6.93 -3.39
C ASP B 220 -29.78 -6.23 -4.01
N ALA B 221 -28.64 -6.26 -3.31
CA ALA B 221 -27.47 -5.51 -3.75
C ALA B 221 -26.76 -6.20 -4.93
N PRO B 222 -26.03 -5.44 -5.76
CA PRO B 222 -25.30 -6.06 -6.87
C PRO B 222 -24.30 -7.09 -6.34
N ARG B 223 -24.07 -8.18 -7.07
CA ARG B 223 -23.11 -9.20 -6.65
C ARG B 223 -21.76 -8.97 -7.34
N TYR B 224 -20.69 -9.09 -6.56
CA TYR B 224 -19.33 -9.02 -7.08
C TYR B 224 -18.78 -10.42 -7.24
N LYS B 225 -18.48 -10.82 -8.47
CA LYS B 225 -18.03 -12.18 -8.75
C LYS B 225 -16.50 -12.34 -8.74
N GLY B 226 -15.76 -11.24 -8.77
CA GLY B 226 -14.32 -11.32 -8.94
C GLY B 226 -13.95 -11.49 -10.40
N GLY B 227 -12.70 -11.81 -10.68
CA GLY B 227 -12.30 -12.04 -12.05
C GLY B 227 -10.90 -12.61 -12.21
N VAL B 228 -10.21 -12.14 -13.25
CA VAL B 228 -8.87 -12.64 -13.54
C VAL B 228 -7.86 -11.51 -13.55
N THR B 229 -6.61 -11.88 -13.31
CA THR B 229 -5.54 -10.91 -13.25
C THR B 229 -4.36 -11.38 -14.11
N ARG B 230 -3.80 -10.46 -14.88
CA ARG B 230 -2.59 -10.75 -15.65
C ARG B 230 -1.61 -9.60 -15.44
N SER B 231 -0.33 -9.85 -15.66
CA SER B 231 0.67 -8.82 -15.40
C SER B 231 1.74 -8.74 -16.50
N ALA B 232 2.34 -7.56 -16.60
CA ALA B 232 3.47 -7.35 -17.52
C ALA B 232 4.49 -6.49 -16.78
N THR B 233 5.05 -7.05 -15.71
CA THR B 233 5.91 -6.29 -14.81
C THR B 233 7.26 -5.90 -15.38
N GLU B 234 7.61 -6.40 -16.57
CA GLU B 234 8.82 -5.93 -17.24
C GLU B 234 8.71 -4.44 -17.67
N TRP B 235 7.49 -3.91 -17.64
CA TRP B 235 7.27 -2.56 -18.12
C TRP B 235 7.16 -1.52 -17.02
N ASN B 236 7.74 -1.82 -15.86
CA ASN B 236 7.54 -0.98 -14.68
C ASN B 236 8.16 0.42 -14.78
N LYS B 237 9.10 0.62 -15.70
CA LYS B 237 9.74 1.94 -15.84
C LYS B 237 8.95 2.98 -16.67
N LEU B 238 7.89 2.53 -17.33
CA LEU B 238 7.23 3.37 -18.34
C LEU B 238 6.52 4.62 -17.77
N CYS B 239 5.99 4.51 -16.57
CA CYS B 239 5.35 5.68 -15.95
C CYS B 239 5.71 5.75 -14.46
N ARG B 240 6.42 6.81 -14.07
CA ARG B 240 6.91 6.93 -12.68
C ARG B 240 6.50 8.27 -12.07
N GLY B 241 5.87 8.23 -10.90
CA GLY B 241 5.27 9.44 -10.36
C GLY B 241 5.29 9.63 -8.86
N ASN B 242 5.46 10.90 -8.47
CA ASN B 242 5.28 11.35 -7.08
C ASN B 242 4.32 12.52 -7.10
N LEU B 243 4.02 13.09 -5.93
CA LEU B 243 2.97 14.13 -5.84
C LEU B 243 3.23 15.36 -6.72
N ASP B 244 4.51 15.67 -6.96
CA ASP B 244 4.91 16.88 -7.68
C ASP B 244 5.37 16.66 -9.13
N ARG B 245 5.42 15.42 -9.59
CA ARG B 245 6.01 15.13 -10.90
C ARG B 245 5.72 13.71 -11.42
N MET B 246 5.35 13.61 -12.68
CA MET B 246 5.17 12.30 -13.31
C MET B 246 5.81 12.29 -14.68
N VAL B 247 6.68 11.30 -14.92
CA VAL B 247 7.28 11.13 -16.25
C VAL B 247 6.77 9.86 -16.93
N THR B 248 6.51 9.95 -18.24
CA THR B 248 5.79 8.91 -18.97
C THR B 248 6.27 8.78 -20.42
N ASP B 249 6.62 7.55 -20.82
CA ASP B 249 6.83 7.21 -22.24
C ASP B 249 5.45 6.89 -22.81
N THR B 250 4.77 7.91 -23.34
CA THR B 250 3.38 7.79 -23.74
C THR B 250 3.16 6.75 -24.85
N ARG B 251 4.06 6.74 -25.81
CA ARG B 251 3.94 5.88 -26.98
C ARG B 251 4.01 4.40 -26.61
N LEU B 252 5.07 3.98 -25.91
CA LEU B 252 5.24 2.57 -25.57
C LEU B 252 4.21 2.11 -24.55
N LEU B 253 3.82 2.99 -23.64
CA LEU B 253 2.84 2.66 -22.60
C LEU B 253 1.47 2.32 -23.20
N LEU B 254 1.05 3.08 -24.21
CA LEU B 254 -0.20 2.78 -24.89
C LEU B 254 -0.11 1.42 -25.58
N ILE B 255 0.99 1.19 -26.29
CA ILE B 255 1.18 -0.05 -27.04
C ILE B 255 1.22 -1.30 -26.14
N GLU B 256 2.04 -1.25 -25.09
CA GLU B 256 2.14 -2.38 -24.16
C GLU B 256 0.93 -2.52 -23.25
N GLY B 257 0.33 -1.39 -22.89
CA GLY B 257 -0.86 -1.44 -22.05
C GLY B 257 -2.00 -2.13 -22.77
N ILE B 258 -2.13 -1.85 -24.06
CA ILE B 258 -3.17 -2.47 -24.89
C ILE B 258 -2.91 -3.96 -25.07
N LYS B 259 -1.65 -4.34 -25.31
CA LYS B 259 -1.26 -5.75 -25.36
C LYS B 259 -1.76 -6.51 -24.11
N LEU B 260 -1.44 -5.98 -22.93
CA LEU B 260 -1.79 -6.66 -21.68
C LEU B 260 -3.30 -6.66 -21.48
N ALA B 261 -3.96 -5.54 -21.80
CA ALA B 261 -5.43 -5.47 -21.69
C ALA B 261 -6.06 -6.53 -22.59
N GLN B 262 -5.53 -6.68 -23.81
CA GLN B 262 -5.98 -7.70 -24.76
C GLN B 262 -5.79 -9.14 -24.25
N LYS B 263 -4.62 -9.42 -23.69
CA LYS B 263 -4.37 -10.72 -23.06
C LYS B 263 -5.32 -11.01 -21.87
N THR B 264 -5.58 -10.00 -21.05
CA THR B 264 -6.40 -10.22 -19.86
C THR B 264 -7.84 -10.45 -20.29
N PHE B 265 -8.25 -9.76 -21.35
CA PHE B 265 -9.63 -9.85 -21.85
C PHE B 265 -9.88 -11.21 -22.47
N VAL B 266 -8.86 -11.71 -23.17
CA VAL B 266 -8.90 -13.06 -23.71
C VAL B 266 -9.05 -14.06 -22.57
N ALA B 267 -8.25 -13.90 -21.53
CA ALA B 267 -8.36 -14.75 -20.34
C ALA B 267 -9.74 -14.66 -19.70
N ALA B 268 -10.30 -13.45 -19.66
CA ALA B 268 -11.62 -13.27 -19.08
C ALA B 268 -12.67 -14.05 -19.88
N LYS B 269 -12.49 -14.12 -21.20
CA LYS B 269 -13.39 -14.89 -22.05
C LYS B 269 -13.49 -16.37 -21.67
N GLN B 270 -12.41 -16.95 -21.13
CA GLN B 270 -12.42 -18.36 -20.73
C GLN B 270 -13.00 -18.61 -19.35
N VAL B 271 -12.46 -17.92 -18.34
CA VAL B 271 -12.80 -18.23 -16.96
C VAL B 271 -14.08 -17.53 -16.48
N LEU B 272 -14.42 -16.41 -17.11
CA LEU B 272 -15.69 -15.75 -16.80
C LEU B 272 -16.77 -16.13 -17.82
N GLY B 273 -16.34 -16.61 -18.99
CA GLY B 273 -17.25 -17.01 -20.05
C GLY B 273 -17.71 -15.84 -20.91
N TRP B 274 -17.04 -14.71 -20.78
CA TRP B 274 -17.45 -13.47 -21.44
C TRP B 274 -17.52 -13.54 -22.97
N ALA B 275 -18.60 -12.99 -23.52
CA ALA B 275 -18.67 -12.64 -24.94
C ALA B 275 -19.21 -11.21 -25.04
N VAL B 276 -18.63 -10.41 -25.92
CA VAL B 276 -18.86 -8.97 -25.97
C VAL B 276 -20.35 -8.58 -26.00
N GLU B 277 -21.11 -9.24 -26.87
CA GLU B 277 -22.52 -8.95 -27.03
C GLU B 277 -23.36 -9.33 -25.81
N GLU B 278 -22.76 -10.05 -24.88
CA GLU B 278 -23.47 -10.48 -23.67
C GLU B 278 -23.18 -9.62 -22.44
N LEU B 279 -22.33 -8.60 -22.60
CA LEU B 279 -22.07 -7.68 -21.50
C LEU B 279 -22.84 -6.37 -21.74
N ASP B 280 -23.40 -5.79 -20.68
CA ASP B 280 -24.28 -4.64 -20.84
C ASP B 280 -23.55 -3.32 -20.69
N GLN B 281 -22.54 -3.29 -19.84
CA GLN B 281 -21.73 -2.10 -19.64
C GLN B 281 -20.28 -2.50 -19.52
N PHE B 282 -19.38 -1.68 -20.07
CA PHE B 282 -17.96 -1.81 -19.78
C PHE B 282 -17.49 -0.60 -18.99
N VAL B 283 -16.91 -0.85 -17.81
CA VAL B 283 -16.44 0.23 -16.97
C VAL B 283 -14.92 0.18 -17.03
N ILE B 284 -14.35 1.08 -17.82
CA ILE B 284 -12.94 1.01 -18.20
C ILE B 284 -12.14 2.06 -17.46
N HIS B 285 -10.87 1.76 -17.18
CA HIS B 285 -10.00 2.79 -16.67
C HIS B 285 -9.88 3.91 -17.71
N GLN B 286 -9.89 5.15 -17.23
CA GLN B 286 -10.00 6.33 -18.09
C GLN B 286 -8.64 6.95 -18.40
N VAL B 287 -8.13 6.76 -19.61
CA VAL B 287 -6.76 7.19 -19.90
C VAL B 287 -6.67 8.28 -20.98
N SER B 288 -7.31 8.05 -22.11
CA SER B 288 -7.34 9.02 -23.20
C SER B 288 -8.26 8.49 -24.29
N ARG B 289 -8.61 9.34 -25.24
CA ARG B 289 -9.43 8.89 -26.36
C ARG B 289 -8.72 7.81 -27.19
N PRO B 290 -7.46 8.04 -27.60
CA PRO B 290 -6.81 7.00 -28.41
C PRO B 290 -6.60 5.66 -27.67
N HIS B 291 -6.23 5.70 -26.40
CA HIS B 291 -6.21 4.49 -25.57
C HIS B 291 -7.58 3.76 -25.61
N THR B 292 -8.63 4.50 -25.31
CA THR B 292 -9.97 3.90 -25.31
C THR B 292 -10.35 3.31 -26.66
N ALA B 293 -10.19 4.11 -27.71
CA ALA B 293 -10.56 3.68 -29.06
C ALA B 293 -9.82 2.43 -29.49
N ALA B 294 -8.54 2.37 -29.17
CA ALA B 294 -7.73 1.21 -29.53
C ALA B 294 -8.22 -0.06 -28.83
N PHE B 295 -8.67 0.05 -27.59
CA PHE B 295 -9.18 -1.13 -26.91
C PHE B 295 -10.52 -1.61 -27.48
N VAL B 296 -11.49 -0.72 -27.59
CA VAL B 296 -12.83 -1.15 -28.03
C VAL B 296 -12.83 -1.65 -29.47
N LYS B 297 -11.91 -1.15 -30.30
CA LYS B 297 -11.82 -1.63 -31.68
C LYS B 297 -11.22 -3.05 -31.71
N SER B 298 -10.33 -3.33 -30.76
N SER B 298 -10.33 -3.33 -30.76
CA SER B 298 -9.72 -4.64 -30.64
CA SER B 298 -9.72 -4.65 -30.64
C SER B 298 -10.75 -5.75 -30.48
C SER B 298 -10.79 -5.73 -30.55
N PHE B 299 -11.83 -5.46 -29.78
CA PHE B 299 -12.90 -6.44 -29.53
C PHE B 299 -14.27 -6.04 -30.07
N GLY B 300 -14.31 -5.03 -30.95
CA GLY B 300 -15.56 -4.61 -31.56
C GLY B 300 -16.64 -4.26 -30.55
N ILE B 301 -16.22 -3.71 -29.41
CA ILE B 301 -17.13 -3.27 -28.36
C ILE B 301 -17.90 -2.02 -28.83
N ASP B 302 -19.20 -2.00 -28.57
CA ASP B 302 -20.04 -0.84 -28.87
C ASP B 302 -19.64 0.34 -27.96
N PRO B 303 -19.10 1.42 -28.55
CA PRO B 303 -18.66 2.59 -27.78
C PRO B 303 -19.76 3.19 -26.90
N ALA B 304 -21.03 3.03 -27.30
CA ALA B 304 -22.15 3.48 -26.49
C ALA B 304 -22.28 2.72 -25.14
N LYS B 305 -21.66 1.54 -25.04
CA LYS B 305 -21.65 0.77 -23.79
C LYS B 305 -20.42 1.08 -22.92
N VAL B 306 -19.70 2.13 -23.26
CA VAL B 306 -18.50 2.50 -22.52
C VAL B 306 -18.53 3.96 -22.07
N MET B 307 -19.01 4.21 -20.85
CA MET B 307 -19.09 5.59 -20.36
C MET B 307 -17.69 6.19 -20.18
N THR B 308 -17.48 7.42 -20.67
CA THR B 308 -16.17 8.08 -20.51
C THR B 308 -16.35 9.44 -19.83
N ILE B 309 -15.46 9.74 -18.89
CA ILE B 309 -15.46 11.03 -18.20
C ILE B 309 -14.11 11.77 -18.30
N PHE B 310 -13.11 11.15 -18.93
CA PHE B 310 -11.81 11.82 -19.03
C PHE B 310 -11.90 13.14 -19.83
N GLY B 311 -12.87 13.26 -20.73
CA GLY B 311 -13.03 14.49 -21.49
C GLY B 311 -13.06 15.75 -20.62
N GLU B 312 -13.69 15.65 -19.44
CA GLU B 312 -13.84 16.79 -18.54
C GLU B 312 -13.26 16.56 -17.14
N HIS B 313 -12.84 15.33 -16.86
CA HIS B 313 -12.25 15.01 -15.57
C HIS B 313 -10.83 14.50 -15.64
N GLY B 314 -10.35 14.17 -16.85
CA GLY B 314 -9.07 13.51 -16.98
C GLY B 314 -8.98 12.13 -16.34
N ASN B 315 -7.74 11.72 -16.06
CA ASN B 315 -7.40 10.43 -15.47
C ASN B 315 -7.31 10.59 -13.95
N ILE B 316 -8.25 9.98 -13.21
CA ILE B 316 -8.31 10.09 -11.75
C ILE B 316 -7.73 8.81 -11.11
N GLY B 317 -6.85 8.15 -11.85
CA GLY B 317 -6.10 7.02 -11.30
C GLY B 317 -6.98 5.87 -10.88
N PRO B 318 -6.64 5.21 -9.76
CA PRO B 318 -7.38 4.01 -9.34
C PRO B 318 -8.83 4.33 -8.96
N ALA B 319 -9.13 5.60 -8.65
CA ALA B 319 -10.52 5.97 -8.41
C ALA B 319 -11.35 6.07 -9.68
N SER B 320 -10.72 6.05 -10.87
CA SER B 320 -11.51 6.29 -12.10
C SER B 320 -12.63 5.26 -12.30
N VAL B 321 -12.29 3.96 -12.19
CA VAL B 321 -13.30 2.91 -12.37
C VAL B 321 -14.51 3.03 -11.40
N PRO B 322 -14.27 3.14 -10.07
CA PRO B 322 -15.46 3.24 -9.20
C PRO B 322 -16.20 4.58 -9.32
N ILE B 323 -15.52 5.66 -9.73
CA ILE B 323 -16.21 6.94 -10.00
C ILE B 323 -17.17 6.75 -11.15
N VAL B 324 -16.72 6.05 -12.19
CA VAL B 324 -17.61 5.77 -13.32
C VAL B 324 -18.78 4.89 -12.90
N LEU B 325 -18.49 3.84 -12.13
CA LEU B 325 -19.53 2.94 -11.65
C LEU B 325 -20.56 3.71 -10.80
N SER B 326 -20.07 4.63 -9.97
CA SER B 326 -20.94 5.43 -9.12
C SER B 326 -21.83 6.34 -9.98
N LYS B 327 -21.22 6.97 -10.99
CA LYS B 327 -21.99 7.84 -11.90
C LYS B 327 -23.10 7.06 -12.62
N LEU B 328 -22.78 5.83 -13.05
CA LEU B 328 -23.79 4.97 -13.68
C LEU B 328 -24.89 4.63 -12.68
N LYS B 329 -24.50 4.31 -11.45
CA LYS B 329 -25.50 4.04 -10.42
C LYS B 329 -26.42 5.24 -10.22
N GLU B 330 -25.84 6.44 -10.11
N GLU B 330 -25.82 6.44 -10.11
CA GLU B 330 -26.63 7.63 -9.83
CA GLU B 330 -26.57 7.66 -9.88
C GLU B 330 -27.46 8.03 -11.06
C GLU B 330 -27.47 7.99 -11.05
N LEU B 331 -27.00 7.68 -12.25
CA LEU B 331 -27.75 7.97 -13.48
C LEU B 331 -29.06 7.21 -13.42
N GLY B 332 -29.06 6.10 -12.70
CA GLY B 332 -30.25 5.33 -12.40
C GLY B 332 -30.83 4.52 -13.55
N ARG B 333 -30.03 4.21 -14.56
CA ARG B 333 -30.57 3.48 -15.71
C ARG B 333 -30.13 2.02 -15.78
N LEU B 334 -29.17 1.61 -14.94
CA LEU B 334 -28.86 0.17 -14.79
C LEU B 334 -30.07 -0.58 -14.24
N LYS B 335 -30.24 -1.83 -14.68
CA LYS B 335 -31.32 -2.68 -14.17
C LYS B 335 -30.74 -4.00 -13.61
N LYS B 336 -31.54 -4.69 -12.80
CA LYS B 336 -31.17 -5.96 -12.20
C LYS B 336 -30.80 -6.97 -13.26
N GLY B 337 -29.70 -7.68 -13.04
CA GLY B 337 -29.27 -8.71 -13.97
C GLY B 337 -28.30 -8.17 -15.01
N ASP B 338 -28.14 -6.85 -15.07
CA ASP B 338 -27.22 -6.23 -16.02
C ASP B 338 -25.80 -6.72 -15.73
N ARG B 339 -25.11 -7.19 -16.76
CA ARG B 339 -23.75 -7.68 -16.58
C ARG B 339 -22.75 -6.56 -16.87
N ILE B 340 -21.96 -6.26 -15.86
CA ILE B 340 -21.07 -5.11 -15.89
C ILE B 340 -19.65 -5.57 -15.75
N ALA B 341 -18.86 -5.33 -16.78
CA ALA B 341 -17.46 -5.70 -16.82
C ALA B 341 -16.60 -4.55 -16.30
N LEU B 342 -15.83 -4.80 -15.24
CA LEU B 342 -14.88 -3.82 -14.74
C LEU B 342 -13.49 -4.12 -15.32
N LEU B 343 -12.98 -3.21 -16.13
CA LEU B 343 -11.69 -3.43 -16.80
C LEU B 343 -10.69 -2.46 -16.21
N GLY B 344 -9.90 -2.95 -15.25
CA GLY B 344 -8.90 -2.17 -14.58
C GLY B 344 -7.48 -2.42 -15.09
N ILE B 345 -6.65 -1.37 -15.07
CA ILE B 345 -5.25 -1.49 -15.48
C ILE B 345 -4.44 -0.41 -14.77
N GLY B 346 -3.13 -0.60 -14.67
CA GLY B 346 -2.33 0.37 -13.96
C GLY B 346 -0.90 0.23 -14.36
N SER B 347 -0.21 1.37 -14.32
CA SER B 347 1.24 1.42 -14.46
C SER B 347 1.82 0.27 -13.65
N GLY B 348 2.76 -0.48 -14.23
CA GLY B 348 3.27 -1.70 -13.59
C GLY B 348 3.99 -2.67 -14.50
N LEU B 349 3.32 -3.21 -15.52
CA LEU B 349 1.90 -3.02 -15.76
C LEU B 349 1.18 -4.19 -15.12
N ASN B 350 0.00 -3.90 -14.57
CA ASN B 350 -0.91 -4.94 -14.09
C ASN B 350 -2.31 -4.67 -14.62
N CYS B 351 -3.05 -5.74 -14.87
CA CYS B 351 -4.40 -5.67 -15.42
C CYS B 351 -5.34 -6.64 -14.72
N SER B 352 -6.53 -6.16 -14.37
CA SER B 352 -7.51 -7.04 -13.75
C SER B 352 -8.91 -6.77 -14.27
N MET B 353 -9.63 -7.84 -14.62
CA MET B 353 -10.97 -7.71 -15.16
C MET B 353 -11.94 -8.57 -14.38
N ALA B 354 -13.07 -7.98 -14.02
CA ALA B 354 -13.99 -8.65 -13.09
C ALA B 354 -15.43 -8.30 -13.43
N GLU B 355 -16.35 -9.09 -12.89
CA GLU B 355 -17.76 -8.91 -13.20
C GLU B 355 -18.61 -8.53 -11.98
N VAL B 356 -19.50 -7.57 -12.19
CA VAL B 356 -20.57 -7.26 -11.24
C VAL B 356 -21.86 -7.63 -11.96
N VAL B 357 -22.77 -8.29 -11.24
CA VAL B 357 -24.12 -8.52 -11.72
C VAL B 357 -25.06 -7.64 -10.90
N TRP B 358 -25.71 -6.69 -11.57
CA TRP B 358 -26.53 -5.71 -10.87
C TRP B 358 -27.73 -6.39 -10.17
#